data_3ERN
#
_entry.id   3ERN
#
_cell.length_a   88.856
_cell.length_b   54.236
_cell.length_c   118.384
_cell.angle_alpha   90.000
_cell.angle_beta   94.990
_cell.angle_gamma   90.000
#
_symmetry.space_group_name_H-M   'P 1 21 1'
#
loop_
_entity.id
_entity.type
_entity.pdbx_description
1 polymer '2-C-methyl-D-erythritol 2,4-cyclodiphosphate synthase'
2 non-polymer 'ZINC ION'
3 non-polymer "CYTOSINE ARABINOSE-5'-PHOSPHATE"
4 non-polymer 'SULFATE ION'
5 non-polymer 'GERANYL DIPHOSPHATE'
6 water water
#
_entity_poly.entity_id   1
_entity_poly.type   'polypeptide(L)'
_entity_poly.pdbx_seq_one_letter_code
;GSHMLEMRIGHGFDVHAFGGEGPIIIGGVRIPYEKGLLAHSDGDVALHALTDALLGAAALGDIGKLFPDTDPAFKGADSR
ELLREAWRRIQAKGYTLGNVDVTIIAQAPKMLPHIPQMRVFIAEDLGCHMDDVNVKATTTEKLGFTGRGEGIACEAVALL
IKATK
;
_entity_poly.pdbx_strand_id   A,B,C,D,E,F
#
loop_
_chem_comp.id
_chem_comp.type
_chem_comp.name
_chem_comp.formula
CAR RNA linking 'CYTOSINE ARABINOSE-5'-PHOSPHATE' 'C9 H14 N3 O8 P'
GPP non-polymer 'GERANYL DIPHOSPHATE' 'C10 H20 O7 P2'
SO4 non-polymer 'SULFATE ION' 'O4 S -2'
ZN non-polymer 'ZINC ION' 'Zn 2'
#
# COMPACT_ATOMS: atom_id res chain seq x y z
N GLU A 6 25.61 23.82 -27.01
CA GLU A 6 26.55 23.33 -25.95
C GLU A 6 25.81 23.06 -24.64
N MET A 7 24.89 22.09 -24.67
CA MET A 7 23.97 21.89 -23.55
C MET A 7 24.18 20.56 -22.82
N ARG A 8 23.70 20.51 -21.57
CA ARG A 8 23.95 19.37 -20.69
C ARG A 8 22.67 19.01 -19.94
N ILE A 9 22.36 17.72 -19.84
CA ILE A 9 21.09 17.23 -19.23
C ILE A 9 21.24 16.71 -17.79
N GLY A 10 20.20 16.94 -16.98
CA GLY A 10 20.17 16.39 -15.62
C GLY A 10 18.79 15.91 -15.21
N HIS A 11 18.77 14.94 -14.29
CA HIS A 11 17.55 14.30 -13.80
C HIS A 11 17.64 14.20 -12.27
N GLY A 12 16.52 14.41 -11.59
CA GLY A 12 16.49 14.28 -10.14
C GLY A 12 15.24 13.56 -9.70
N PHE A 13 15.32 12.85 -8.57
CA PHE A 13 14.16 12.13 -8.03
C PHE A 13 14.21 12.07 -6.51
N ASP A 14 13.09 12.38 -5.87
CA ASP A 14 13.04 12.45 -4.41
C ASP A 14 11.69 11.97 -3.86
N VAL A 15 11.72 11.35 -2.70
CA VAL A 15 10.52 10.85 -2.03
C VAL A 15 10.64 11.16 -0.53
N HIS A 16 9.57 11.71 0.05
CA HIS A 16 9.45 11.77 1.48
C HIS A 16 8.13 11.16 1.94
N ALA A 17 8.16 10.51 3.10
CA ALA A 17 6.96 9.92 3.68
C ALA A 17 6.24 10.95 4.56
N PHE A 18 4.92 10.82 4.66
CA PHE A 18 4.15 11.60 5.62
C PHE A 18 4.43 11.16 7.05
N GLY A 19 4.53 12.13 7.95
CA GLY A 19 4.59 11.85 9.38
C GLY A 19 4.45 13.10 10.22
N GLY A 20 4.12 12.91 11.50
CA GLY A 20 3.65 14.00 12.33
C GLY A 20 2.71 14.93 11.61
N GLU A 21 2.94 16.24 11.76
CA GLU A 21 1.90 17.23 11.52
C GLU A 21 2.30 18.20 10.42
N GLY A 22 1.30 18.69 9.67
CA GLY A 22 1.54 19.69 8.67
C GLY A 22 1.58 21.09 9.24
N PRO A 23 2.01 22.05 8.43
CA PRO A 23 1.86 21.95 6.97
C PRO A 23 3.08 21.30 6.33
N ILE A 24 2.97 20.96 5.05
CA ILE A 24 4.12 20.59 4.24
C ILE A 24 4.67 21.79 3.49
N ILE A 25 5.91 21.67 3.02
CA ILE A 25 6.52 22.71 2.21
C ILE A 25 7.02 22.12 0.89
N ILE A 26 6.48 22.64 -0.22
CA ILE A 26 6.79 22.17 -1.58
C ILE A 26 7.10 23.35 -2.48
N GLY A 27 8.22 23.30 -3.19
CA GLY A 27 8.65 24.40 -4.05
C GLY A 27 8.78 25.71 -3.28
N GLY A 28 9.17 25.61 -2.01
CA GLY A 28 9.30 26.77 -1.13
C GLY A 28 8.00 27.28 -0.53
N VAL A 29 6.87 26.68 -0.89
CA VAL A 29 5.56 27.16 -0.45
C VAL A 29 4.95 26.25 0.62
N ARG A 30 4.47 26.85 1.71
CA ARG A 30 3.79 26.09 2.76
C ARG A 30 2.36 25.77 2.36
N ILE A 31 2.00 24.50 2.46
CA ILE A 31 0.67 24.04 2.06
C ILE A 31 0.00 23.29 3.20
N PRO A 32 -1.19 23.75 3.62
CA PRO A 32 -1.91 23.05 4.69
C PRO A 32 -2.25 21.60 4.32
N TYR A 33 -1.94 20.69 5.24
CA TYR A 33 -2.34 19.29 5.11
C TYR A 33 -2.44 18.64 6.49
N GLU A 34 -3.30 17.62 6.60
CA GLU A 34 -3.50 16.90 7.87
C GLU A 34 -2.24 16.18 8.37
N LYS A 35 -1.24 16.05 7.51
CA LYS A 35 0.03 15.43 7.87
C LYS A 35 1.17 16.33 7.42
N GLY A 36 2.35 16.13 8.02
CA GLY A 36 3.57 16.80 7.57
C GLY A 36 4.45 15.81 6.84
N LEU A 37 5.67 16.21 6.52
CA LEU A 37 6.64 15.31 5.87
C LEU A 37 7.84 14.98 6.75
N LEU A 38 8.12 13.68 6.89
CA LEU A 38 9.29 13.19 7.62
C LEU A 38 10.56 13.35 6.81
N ALA A 39 11.47 14.20 7.28
CA ALA A 39 12.72 14.42 6.56
C ALA A 39 13.84 14.87 7.49
N HIS A 40 15.08 14.61 7.07
CA HIS A 40 16.25 15.16 7.77
C HIS A 40 16.24 16.68 7.66
N SER A 41 15.92 17.19 6.47
CA SER A 41 15.78 18.63 6.22
C SER A 41 14.28 18.93 6.16
N ASP A 42 13.92 20.16 5.76
CA ASP A 42 12.51 20.55 5.61
C ASP A 42 11.55 19.68 4.76
N GLY A 43 12.10 18.69 4.07
CA GLY A 43 11.30 17.73 3.29
C GLY A 43 10.73 18.22 1.97
N ASP A 44 11.31 19.28 1.41
CA ASP A 44 10.83 19.83 0.14
C ASP A 44 11.22 18.93 -1.02
N VAL A 45 10.37 17.95 -1.33
CA VAL A 45 10.65 16.98 -2.40
C VAL A 45 10.97 17.64 -3.74
N ALA A 46 10.24 18.71 -4.04
CA ALA A 46 10.36 19.42 -5.32
C ALA A 46 11.68 20.15 -5.47
N LEU A 47 12.08 20.88 -4.43
CA LEU A 47 13.33 21.62 -4.52
C LEU A 47 14.52 20.68 -4.48
N HIS A 48 14.35 19.59 -3.75
CA HIS A 48 15.36 18.53 -3.66
C HIS A 48 15.58 17.79 -4.98
N ALA A 49 14.51 17.47 -5.70
CA ALA A 49 14.61 16.85 -7.02
C ALA A 49 15.23 17.82 -8.03
N LEU A 50 14.82 19.09 -7.96
CA LEU A 50 15.32 20.12 -8.86
C LEU A 50 16.81 20.29 -8.71
N THR A 51 17.26 20.44 -7.47
CA THR A 51 18.68 20.53 -7.11
C THR A 51 19.51 19.35 -7.63
N ASP A 52 19.02 18.14 -7.41
CA ASP A 52 19.67 16.92 -7.93
C ASP A 52 19.77 16.96 -9.45
N ALA A 53 18.71 17.38 -10.12
CA ALA A 53 18.72 17.53 -11.58
C ALA A 53 19.77 18.54 -12.05
N LEU A 54 19.84 19.70 -11.41
CA LEU A 54 20.80 20.74 -11.78
C LEU A 54 22.23 20.29 -11.56
N LEU A 55 22.46 19.61 -10.43
CA LEU A 55 23.78 19.08 -10.08
C LEU A 55 24.20 17.92 -10.99
N GLY A 56 23.23 17.06 -11.33
CA GLY A 56 23.45 15.96 -12.28
C GLY A 56 23.94 16.44 -13.63
N ALA A 57 23.35 17.54 -14.11
CA ALA A 57 23.72 18.16 -15.37
C ALA A 57 25.14 18.69 -15.32
N ALA A 58 25.57 19.09 -14.12
CA ALA A 58 26.92 19.60 -13.89
C ALA A 58 27.91 18.50 -13.49
N ALA A 59 27.47 17.25 -13.55
CA ALA A 59 28.24 16.09 -13.03
C ALA A 59 28.80 16.32 -11.62
N LEU A 60 28.01 17.00 -10.77
CA LEU A 60 28.40 17.23 -9.39
C LEU A 60 27.65 16.32 -8.42
N GLY A 61 27.16 15.19 -8.94
CA GLY A 61 26.50 14.18 -8.12
C GLY A 61 25.10 14.57 -7.69
N ASP A 62 24.92 14.77 -6.38
CA ASP A 62 23.61 15.10 -5.81
C ASP A 62 23.77 15.95 -4.55
N ILE A 63 22.65 16.35 -3.91
CA ILE A 63 22.76 17.17 -2.69
C ILE A 63 23.59 16.53 -1.60
N GLY A 64 23.43 15.22 -1.42
CA GLY A 64 24.21 14.46 -0.44
C GLY A 64 25.71 14.61 -0.59
N LYS A 65 26.19 14.64 -1.84
CA LYS A 65 27.60 14.84 -2.11
C LYS A 65 28.06 16.23 -1.68
N LEU A 66 27.21 17.23 -1.93
CA LEU A 66 27.49 18.62 -1.54
C LEU A 66 27.26 18.87 -0.06
N PHE A 67 26.18 18.30 0.47
CA PHE A 67 25.76 18.56 1.84
C PHE A 67 25.52 17.27 2.63
N PRO A 68 26.60 16.55 2.99
CA PRO A 68 26.45 15.34 3.82
C PRO A 68 25.93 15.68 5.22
N ASP A 69 25.41 14.69 5.93
CA ASP A 69 24.96 14.93 7.30
C ASP A 69 26.16 14.88 8.26
N THR A 70 27.33 14.57 7.71
CA THR A 70 28.59 14.71 8.45
C THR A 70 29.08 16.16 8.44
N ASP A 71 28.41 17.02 7.68
CA ASP A 71 28.87 18.39 7.51
C ASP A 71 28.05 19.42 8.27
N PRO A 72 28.72 20.24 9.09
CA PRO A 72 28.07 21.26 9.92
C PRO A 72 27.60 22.48 9.14
N ALA A 73 28.37 22.90 8.13
CA ALA A 73 28.16 24.17 7.44
C ALA A 73 26.70 24.42 7.05
N PHE A 74 26.09 23.46 6.35
CA PHE A 74 24.72 23.63 5.86
C PHE A 74 23.69 22.79 6.61
N LYS A 75 24.01 22.40 7.84
CA LYS A 75 23.09 21.63 8.67
C LYS A 75 21.93 22.51 9.14
N GLY A 76 20.70 22.05 8.91
CA GLY A 76 19.52 22.82 9.31
C GLY A 76 19.12 23.94 8.35
N ALA A 77 19.81 24.04 7.21
CA ALA A 77 19.42 24.97 6.15
C ALA A 77 18.11 24.52 5.52
N ASP A 78 17.27 25.48 5.14
CA ASP A 78 16.05 25.14 4.39
C ASP A 78 16.42 24.84 2.93
N SER A 79 15.48 24.28 2.17
CA SER A 79 15.79 23.78 0.84
C SER A 79 16.13 24.87 -0.16
N ARG A 80 15.62 26.07 0.06
CA ARG A 80 15.88 27.20 -0.85
C ARG A 80 17.33 27.64 -0.76
N GLU A 81 17.87 27.61 0.46
CA GLU A 81 19.27 27.94 0.70
C GLU A 81 20.23 26.91 0.10
N LEU A 82 19.88 25.63 0.17
CA LEU A 82 20.66 24.57 -0.45
C LEU A 82 20.67 24.68 -1.98
N LEU A 83 19.51 25.01 -2.55
CA LEU A 83 19.38 25.22 -3.99
C LEU A 83 20.24 26.39 -4.48
N ARG A 84 20.19 27.52 -3.75
CA ARG A 84 21.00 28.69 -4.12
C ARG A 84 22.49 28.43 -3.96
N GLU A 85 22.85 27.62 -2.96
CA GLU A 85 24.24 27.20 -2.80
C GLU A 85 24.68 26.19 -3.87
N ALA A 86 23.84 25.18 -4.12
CA ALA A 86 24.12 24.24 -5.22
C ALA A 86 24.31 25.02 -6.52
N TRP A 87 23.46 26.02 -6.73
CA TRP A 87 23.47 26.84 -7.93
C TRP A 87 24.73 27.70 -8.04
N ARG A 88 25.21 28.20 -6.91
CA ARG A 88 26.46 28.96 -6.85
C ARG A 88 27.64 28.08 -7.33
N ARG A 89 27.74 26.88 -6.76
CA ARG A 89 28.78 25.92 -7.12
C ARG A 89 28.70 25.47 -8.58
N ILE A 90 27.48 25.33 -9.10
CA ILE A 90 27.26 24.97 -10.51
C ILE A 90 27.75 26.09 -11.45
N GLN A 91 27.41 27.33 -11.10
CA GLN A 91 27.77 28.48 -11.91
C GLN A 91 29.28 28.75 -11.88
N ALA A 92 29.93 28.29 -10.82
CA ALA A 92 31.38 28.39 -10.67
C ALA A 92 32.13 27.49 -11.64
N LYS A 93 31.46 26.46 -12.15
CA LYS A 93 32.04 25.57 -13.14
C LYS A 93 31.81 26.08 -14.56
N GLY A 94 31.19 27.25 -14.68
CA GLY A 94 30.96 27.89 -15.98
C GLY A 94 29.59 27.65 -16.61
N TYR A 95 28.66 27.07 -15.86
CA TYR A 95 27.34 26.72 -16.37
C TYR A 95 26.29 27.80 -16.16
N THR A 96 25.40 27.94 -17.13
CA THR A 96 24.26 28.85 -17.04
C THR A 96 22.97 28.06 -17.32
N LEU A 97 21.83 28.65 -16.98
CA LEU A 97 20.58 27.91 -17.04
C LEU A 97 19.95 27.90 -18.43
N GLY A 98 19.69 26.69 -18.94
CA GLY A 98 18.78 26.51 -20.05
C GLY A 98 17.37 26.63 -19.52
N ASN A 99 16.80 25.52 -19.05
CA ASN A 99 15.46 25.53 -18.50
C ASN A 99 15.24 24.35 -17.55
N VAL A 100 14.19 24.43 -16.74
CA VAL A 100 13.86 23.34 -15.80
C VAL A 100 12.40 22.94 -15.89
N ASP A 101 12.13 21.66 -15.59
CA ASP A 101 10.76 21.15 -15.52
C ASP A 101 10.63 20.16 -14.36
N VAL A 102 9.67 20.40 -13.48
CA VAL A 102 9.53 19.66 -12.24
C VAL A 102 8.15 19.01 -12.19
N THR A 103 8.08 17.73 -11.82
CA THR A 103 6.81 17.01 -11.72
C THR A 103 6.55 16.45 -10.30
N ILE A 104 5.59 17.02 -9.61
CA ILE A 104 5.25 16.61 -8.25
C ILE A 104 4.26 15.47 -8.34
N ILE A 105 4.54 14.39 -7.64
CA ILE A 105 3.67 13.23 -7.67
C ILE A 105 3.03 13.08 -6.28
N ALA A 106 1.75 13.43 -6.17
CA ALA A 106 1.02 13.41 -4.89
C ALA A 106 -0.48 13.27 -5.10
N GLN A 107 -1.15 12.51 -4.23
CA GLN A 107 -2.60 12.40 -4.29
C GLN A 107 -3.25 13.64 -3.66
N ALA A 108 -2.60 14.17 -2.63
CA ALA A 108 -3.10 15.29 -1.85
C ALA A 108 -1.85 15.78 -1.18
N PRO A 109 -1.80 17.06 -0.77
CA PRO A 109 -2.81 18.09 -0.95
C PRO A 109 -2.82 18.61 -2.38
N LYS A 110 -3.76 19.50 -2.68
CA LYS A 110 -3.85 20.17 -3.97
C LYS A 110 -2.66 21.13 -4.15
N MET A 111 -1.95 20.95 -5.25
CA MET A 111 -0.73 21.71 -5.54
C MET A 111 -0.98 22.90 -6.46
N LEU A 112 -1.84 22.72 -7.46
CA LEU A 112 -2.05 23.70 -8.53
C LEU A 112 -2.22 25.17 -8.10
N PRO A 113 -3.07 25.43 -7.07
CA PRO A 113 -3.20 26.79 -6.55
C PRO A 113 -1.89 27.41 -6.06
N HIS A 114 -0.94 26.56 -5.65
CA HIS A 114 0.33 27.03 -5.10
C HIS A 114 1.46 27.05 -6.13
N ILE A 115 1.24 26.48 -7.31
CA ILE A 115 2.33 26.37 -8.32
C ILE A 115 2.91 27.71 -8.85
N PRO A 116 2.05 28.70 -9.20
CA PRO A 116 2.63 29.99 -9.62
C PRO A 116 3.66 30.57 -8.64
N GLN A 117 3.38 30.49 -7.34
CA GLN A 117 4.32 30.97 -6.34
C GLN A 117 5.60 30.16 -6.32
N MET A 118 5.49 28.83 -6.46
CA MET A 118 6.67 27.97 -6.55
C MET A 118 7.58 28.42 -7.69
N ARG A 119 6.98 28.72 -8.83
CA ARG A 119 7.75 29.09 -10.03
C ARG A 119 8.46 30.41 -9.80
N VAL A 120 7.74 31.36 -9.20
CA VAL A 120 8.31 32.63 -8.77
C VAL A 120 9.54 32.41 -7.89
N PHE A 121 9.38 31.64 -6.81
CA PHE A 121 10.48 31.33 -5.90
C PHE A 121 11.70 30.67 -6.59
N ILE A 122 11.44 29.75 -7.52
CA ILE A 122 12.52 29.02 -8.21
C ILE A 122 13.29 29.96 -9.13
N ALA A 123 12.56 30.77 -9.89
CA ALA A 123 13.19 31.71 -10.83
C ALA A 123 14.05 32.74 -10.12
N GLU A 124 13.60 33.19 -8.96
CA GLU A 124 14.37 34.10 -8.10
C GLU A 124 15.64 33.40 -7.59
N ASP A 125 15.51 32.15 -7.15
CA ASP A 125 16.65 31.41 -6.63
C ASP A 125 17.65 31.05 -7.72
N LEU A 126 17.16 30.87 -8.94
CA LEU A 126 18.02 30.54 -10.06
C LEU A 126 18.42 31.75 -10.90
N GLY A 127 17.92 32.94 -10.51
CA GLY A 127 18.20 34.18 -11.23
C GLY A 127 17.81 34.16 -12.69
N CYS A 128 16.67 33.54 -13.00
CA CYS A 128 16.25 33.33 -14.40
C CYS A 128 14.85 33.85 -14.68
N HIS A 129 14.45 33.80 -15.95
CA HIS A 129 13.10 34.18 -16.33
C HIS A 129 12.09 33.13 -15.89
N MET A 130 10.85 33.56 -15.70
CA MET A 130 9.74 32.66 -15.38
C MET A 130 9.52 31.66 -16.51
N ASP A 131 9.77 32.11 -17.75
CA ASP A 131 9.69 31.28 -18.95
C ASP A 131 10.59 30.04 -18.91
N ASP A 132 11.59 30.02 -18.02
CA ASP A 132 12.54 28.91 -17.92
C ASP A 132 12.19 27.89 -16.82
N VAL A 133 11.06 28.10 -16.14
CA VAL A 133 10.67 27.26 -15.02
C VAL A 133 9.26 26.70 -15.23
N ASN A 134 9.15 25.39 -15.28
CA ASN A 134 7.85 24.73 -15.30
C ASN A 134 7.66 23.83 -14.08
N VAL A 135 6.48 23.84 -13.49
CA VAL A 135 6.19 22.99 -12.35
C VAL A 135 4.80 22.45 -12.63
N LYS A 136 4.67 21.12 -12.64
CA LYS A 136 3.37 20.48 -12.76
C LYS A 136 3.16 19.49 -11.60
N ALA A 137 1.92 19.05 -11.41
CA ALA A 137 1.62 18.06 -10.38
C ALA A 137 0.62 17.03 -10.90
N THR A 138 0.81 15.78 -10.52
CA THR A 138 -0.09 14.72 -10.98
C THR A 138 -0.42 13.79 -9.82
N THR A 139 -1.57 13.12 -9.90
CA THR A 139 -1.91 12.06 -8.95
C THR A 139 -1.46 10.73 -9.58
N THR A 140 -1.57 9.65 -8.81
CA THR A 140 -1.37 8.28 -9.34
C THR A 140 -2.69 7.51 -9.31
N GLU A 141 -3.79 8.24 -9.42
CA GLU A 141 -5.15 7.69 -9.41
C GLU A 141 -5.42 6.71 -8.25
N LYS A 142 -4.93 7.09 -7.07
CA LYS A 142 -5.13 6.32 -5.83
C LYS A 142 -4.33 5.01 -5.81
N LEU A 143 -3.35 4.89 -6.72
CA LEU A 143 -2.52 3.71 -6.73
C LEU A 143 -1.13 3.99 -6.13
N GLY A 144 -0.45 2.95 -5.66
CA GLY A 144 0.88 3.09 -5.08
C GLY A 144 0.90 3.80 -3.73
N PHE A 145 2.10 3.99 -3.18
CA PHE A 145 2.24 4.67 -1.89
C PHE A 145 1.80 6.14 -1.93
N THR A 146 1.90 6.77 -3.10
CA THR A 146 1.44 8.16 -3.20
C THR A 146 -0.08 8.18 -3.24
N GLY A 147 -0.67 7.27 -4.00
CA GLY A 147 -2.11 7.22 -4.14
C GLY A 147 -2.83 6.88 -2.85
N ARG A 148 -2.15 6.12 -1.99
CA ARG A 148 -2.72 5.69 -0.70
C ARG A 148 -2.44 6.72 0.35
N GLY A 149 -1.61 7.71 0.01
CA GLY A 149 -1.39 8.86 0.87
C GLY A 149 -0.32 8.64 1.92
N GLU A 150 0.54 7.66 1.66
CA GLU A 150 1.70 7.38 2.52
C GLU A 150 2.81 8.40 2.37
N GLY A 151 2.93 8.99 1.18
CA GLY A 151 4.00 9.92 0.90
C GLY A 151 3.81 10.70 -0.39
N ILE A 152 4.83 11.45 -0.77
CA ILE A 152 4.81 12.32 -1.96
C ILE A 152 6.15 12.12 -2.65
N ALA A 153 6.13 11.96 -3.97
CA ALA A 153 7.36 11.85 -4.74
C ALA A 153 7.47 13.07 -5.65
N CYS A 154 8.64 13.24 -6.23
CA CYS A 154 8.83 14.31 -7.20
C CYS A 154 9.96 13.93 -8.14
N GLU A 155 9.78 14.29 -9.40
CA GLU A 155 10.80 14.09 -10.44
C GLU A 155 11.10 15.43 -11.08
N ALA A 156 12.34 15.64 -11.53
CA ALA A 156 12.67 16.88 -12.21
C ALA A 156 13.75 16.66 -13.26
N VAL A 157 13.72 17.49 -14.30
CA VAL A 157 14.75 17.49 -15.36
C VAL A 157 15.29 18.90 -15.59
N ALA A 158 16.54 18.99 -16.02
CA ALA A 158 17.18 20.28 -16.22
C ALA A 158 18.11 20.27 -17.43
N LEU A 159 18.19 21.42 -18.10
CA LEU A 159 19.19 21.67 -19.13
C LEU A 159 20.04 22.83 -18.67
N LEU A 160 21.35 22.63 -18.63
CA LEU A 160 22.28 23.71 -18.40
C LEU A 160 22.97 24.02 -19.72
N ILE A 161 23.51 25.23 -19.84
CA ILE A 161 24.35 25.61 -20.98
C ILE A 161 25.80 25.73 -20.52
N LYS A 162 26.70 25.10 -21.26
CA LYS A 162 28.15 25.24 -21.06
C LYS A 162 28.74 26.05 -22.20
N GLU B 6 22.71 19.53 -34.04
CA GLU B 6 21.65 19.42 -33.00
C GLU B 6 21.93 18.36 -31.93
N MET B 7 21.15 18.38 -30.86
CA MET B 7 21.27 17.39 -29.81
C MET B 7 19.98 16.63 -29.70
N ARG B 8 20.05 15.43 -29.13
CA ARG B 8 18.90 14.54 -28.99
C ARG B 8 18.81 13.96 -27.58
N ILE B 9 17.61 13.89 -27.04
CA ILE B 9 17.37 13.35 -25.69
C ILE B 9 17.00 11.87 -25.75
N GLY B 10 17.47 11.12 -24.76
CA GLY B 10 17.07 9.72 -24.56
C GLY B 10 16.69 9.45 -23.12
N HIS B 11 15.83 8.47 -22.90
CA HIS B 11 15.41 8.09 -21.55
C HIS B 11 15.45 6.59 -21.40
N GLY B 12 15.93 6.12 -20.24
CA GLY B 12 15.88 4.70 -19.91
C GLY B 12 15.31 4.46 -18.52
N PHE B 13 14.62 3.34 -18.34
CA PHE B 13 14.08 2.93 -17.04
C PHE B 13 14.06 1.41 -16.93
N ASP B 14 14.57 0.90 -15.82
CA ASP B 14 14.67 -0.54 -15.65
C ASP B 14 14.43 -0.95 -14.21
N VAL B 15 13.84 -2.12 -14.04
CA VAL B 15 13.49 -2.67 -12.72
C VAL B 15 13.78 -4.15 -12.69
N HIS B 16 14.49 -4.60 -11.65
CA HIS B 16 14.60 -6.02 -11.34
C HIS B 16 14.23 -6.34 -9.88
N ALA B 17 13.58 -7.48 -9.69
CA ALA B 17 13.24 -8.00 -8.34
C ALA B 17 14.38 -8.78 -7.72
N PHE B 18 14.50 -8.71 -6.40
CA PHE B 18 15.47 -9.51 -5.66
C PHE B 18 15.12 -11.00 -5.66
N GLY B 19 16.13 -11.85 -5.52
CA GLY B 19 15.94 -13.29 -5.51
C GLY B 19 17.24 -13.99 -5.83
N GLY B 20 17.35 -15.25 -5.40
CA GLY B 20 18.58 -16.01 -5.57
C GLY B 20 19.64 -15.52 -4.60
N GLU B 21 20.90 -15.86 -4.89
CA GLU B 21 21.99 -15.47 -4.02
C GLU B 21 22.70 -14.25 -4.57
N GLY B 22 23.26 -13.45 -3.67
CA GLY B 22 24.14 -12.36 -4.05
C GLY B 22 25.38 -12.86 -4.77
N PRO B 23 26.22 -11.93 -5.26
CA PRO B 23 26.00 -10.51 -5.12
C PRO B 23 25.15 -9.96 -6.27
N ILE B 24 24.82 -8.68 -6.22
CA ILE B 24 24.20 -7.99 -7.35
C ILE B 24 25.31 -7.30 -8.15
N ILE B 25 25.00 -6.90 -9.38
CA ILE B 25 25.95 -6.09 -10.18
C ILE B 25 25.28 -4.80 -10.68
N ILE B 26 25.73 -3.65 -10.18
CA ILE B 26 25.15 -2.35 -10.53
C ILE B 26 26.22 -1.47 -11.19
N GLY B 27 25.93 -0.95 -12.37
CA GLY B 27 26.90 -0.11 -13.08
C GLY B 27 28.23 -0.79 -13.29
N GLY B 28 28.19 -2.08 -13.58
CA GLY B 28 29.40 -2.89 -13.74
C GLY B 28 30.12 -3.25 -12.44
N VAL B 29 29.59 -2.82 -11.29
CA VAL B 29 30.27 -3.03 -10.01
C VAL B 29 29.54 -4.10 -9.17
N ARG B 30 30.25 -5.18 -8.85
CA ARG B 30 29.72 -6.26 -8.01
C ARG B 30 29.56 -5.79 -6.57
N ILE B 31 28.34 -5.85 -6.05
CA ILE B 31 28.06 -5.37 -4.70
C ILE B 31 27.48 -6.51 -3.87
N PRO B 32 28.15 -6.85 -2.75
CA PRO B 32 27.69 -7.94 -1.90
C PRO B 32 26.31 -7.65 -1.32
N TYR B 33 25.41 -8.63 -1.45
CA TYR B 33 24.09 -8.51 -0.84
C TYR B 33 23.55 -9.87 -0.47
N GLU B 34 22.61 -9.90 0.48
CA GLU B 34 21.95 -11.14 0.91
C GLU B 34 21.28 -11.84 -0.26
N LYS B 35 20.63 -11.06 -1.13
CA LYS B 35 19.91 -11.59 -2.29
C LYS B 35 20.57 -11.11 -3.56
N GLY B 36 20.33 -11.82 -4.65
CA GLY B 36 20.74 -11.38 -5.99
C GLY B 36 19.61 -10.63 -6.66
N LEU B 37 19.71 -10.44 -7.97
CA LEU B 37 18.63 -9.82 -8.74
C LEU B 37 18.24 -10.77 -9.85
N LEU B 38 16.95 -11.12 -9.90
CA LEU B 38 16.44 -12.03 -10.91
C LEU B 38 16.31 -11.31 -12.24
N ALA B 39 16.89 -11.87 -13.29
CA ALA B 39 16.80 -11.29 -14.62
C ALA B 39 17.26 -12.28 -15.68
N HIS B 40 16.95 -11.97 -16.94
CA HIS B 40 17.33 -12.84 -18.06
C HIS B 40 18.82 -12.77 -18.33
N SER B 41 19.41 -11.61 -18.09
CA SER B 41 20.86 -11.50 -17.93
C SER B 41 21.23 -10.83 -16.61
N ASP B 42 22.42 -10.24 -16.57
CA ASP B 42 23.13 -10.06 -15.31
C ASP B 42 22.43 -9.06 -14.41
N GLY B 43 21.30 -8.52 -14.90
CA GLY B 43 20.37 -7.79 -14.05
C GLY B 43 20.88 -6.42 -13.68
N ASP B 44 21.81 -5.90 -14.49
CA ASP B 44 22.40 -4.59 -14.23
C ASP B 44 21.43 -3.47 -14.63
N VAL B 45 20.60 -3.05 -13.67
CA VAL B 45 19.56 -2.05 -13.95
C VAL B 45 20.09 -0.70 -14.40
N ALA B 46 21.26 -0.33 -13.89
CA ALA B 46 21.84 0.97 -14.18
C ALA B 46 22.38 1.00 -15.61
N LEU B 47 23.13 -0.02 -16.00
CA LEU B 47 23.64 -0.11 -17.39
C LEU B 47 22.54 -0.40 -18.39
N HIS B 48 21.55 -1.18 -17.98
CA HIS B 48 20.39 -1.47 -18.81
C HIS B 48 19.61 -0.18 -19.11
N ALA B 49 19.33 0.62 -18.07
CA ALA B 49 18.65 1.91 -18.24
C ALA B 49 19.50 2.91 -19.05
N LEU B 50 20.80 2.91 -18.80
CA LEU B 50 21.72 3.82 -19.52
C LEU B 50 21.79 3.49 -21.00
N THR B 51 21.91 2.20 -21.33
CA THR B 51 21.86 1.73 -22.71
C THR B 51 20.55 2.14 -23.41
N ASP B 52 19.42 1.98 -22.74
CA ASP B 52 18.14 2.37 -23.32
C ASP B 52 18.10 3.87 -23.61
N ALA B 53 18.64 4.66 -22.69
CA ALA B 53 18.69 6.11 -22.87
C ALA B 53 19.56 6.51 -24.06
N LEU B 54 20.74 5.90 -24.17
CA LEU B 54 21.63 6.15 -25.31
C LEU B 54 20.98 5.74 -26.63
N LEU B 55 20.38 4.56 -26.66
CA LEU B 55 19.71 4.06 -27.87
C LEU B 55 18.50 4.88 -28.26
N GLY B 56 17.74 5.32 -27.26
CA GLY B 56 16.60 6.18 -27.46
C GLY B 56 16.97 7.50 -28.13
N ALA B 57 18.08 8.09 -27.71
CA ALA B 57 18.54 9.36 -28.25
C ALA B 57 19.04 9.21 -29.70
N ALA B 58 18.96 7.98 -30.23
CA ALA B 58 19.18 7.73 -31.66
C ALA B 58 17.93 7.05 -32.24
N ALA B 59 16.87 7.01 -31.44
CA ALA B 59 15.61 6.32 -31.78
C ALA B 59 15.79 4.90 -32.33
N LEU B 60 16.79 4.19 -31.80
CA LEU B 60 17.09 2.82 -32.19
C LEU B 60 16.21 1.83 -31.43
N GLY B 61 15.12 2.34 -30.87
CA GLY B 61 14.18 1.52 -30.11
C GLY B 61 14.71 1.31 -28.71
N ASP B 62 15.18 0.09 -28.44
CA ASP B 62 15.73 -0.25 -27.13
C ASP B 62 16.63 -1.50 -27.20
N ILE B 63 17.14 -1.91 -26.04
CA ILE B 63 17.97 -3.12 -25.91
C ILE B 63 17.32 -4.34 -26.58
N GLY B 64 16.02 -4.54 -26.31
CA GLY B 64 15.27 -5.67 -26.86
C GLY B 64 15.20 -5.68 -28.37
N LYS B 65 15.15 -4.50 -28.96
CA LYS B 65 15.13 -4.38 -30.41
C LYS B 65 16.50 -4.62 -31.04
N LEU B 66 17.55 -4.16 -30.38
CA LEU B 66 18.89 -4.29 -30.91
C LEU B 66 19.42 -5.70 -30.69
N PHE B 67 19.11 -6.26 -29.52
CA PHE B 67 19.50 -7.63 -29.17
C PHE B 67 18.25 -8.49 -28.87
N PRO B 68 17.59 -9.01 -29.93
CA PRO B 68 16.30 -9.70 -29.80
C PRO B 68 16.38 -11.13 -29.27
N ASP B 69 15.20 -11.77 -29.15
CA ASP B 69 15.09 -13.20 -28.83
C ASP B 69 15.97 -14.05 -29.72
N THR B 70 15.86 -13.81 -31.01
CA THR B 70 16.29 -14.73 -32.05
C THR B 70 17.75 -14.60 -32.43
N ASP B 71 18.43 -13.57 -31.91
CA ASP B 71 19.83 -13.31 -32.23
C ASP B 71 20.76 -13.92 -31.19
N PRO B 72 21.47 -15.00 -31.55
CA PRO B 72 22.41 -15.69 -30.66
C PRO B 72 23.63 -14.86 -30.27
N ALA B 73 24.06 -13.97 -31.15
CA ALA B 73 25.32 -13.22 -31.00
C ALA B 73 25.62 -12.70 -29.60
N PHE B 74 24.65 -12.03 -28.98
CA PHE B 74 24.90 -11.41 -27.68
C PHE B 74 24.22 -12.09 -26.49
N LYS B 75 23.66 -13.28 -26.72
CA LYS B 75 23.05 -14.09 -25.63
C LYS B 75 24.07 -14.44 -24.57
N GLY B 76 23.72 -14.15 -23.32
CA GLY B 76 24.59 -14.45 -22.18
C GLY B 76 25.69 -13.42 -21.97
N ALA B 77 25.61 -12.31 -22.71
CA ALA B 77 26.60 -11.23 -22.60
C ALA B 77 26.28 -10.34 -21.41
N ASP B 78 27.33 -9.93 -20.70
CA ASP B 78 27.14 -9.00 -19.58
C ASP B 78 26.74 -7.62 -20.11
N SER B 79 26.36 -6.75 -19.19
CA SER B 79 25.76 -5.49 -19.58
C SER B 79 26.74 -4.50 -20.19
N ARG B 80 28.01 -4.61 -19.81
CA ARG B 80 29.05 -3.73 -20.34
C ARG B 80 29.38 -4.06 -21.78
N GLU B 81 29.38 -5.36 -22.09
CA GLU B 81 29.50 -5.84 -23.45
C GLU B 81 28.36 -5.26 -24.29
N LEU B 82 27.16 -5.30 -23.73
CA LEU B 82 25.97 -4.78 -24.39
C LEU B 82 26.05 -3.27 -24.56
N LEU B 83 26.48 -2.57 -23.51
CA LEU B 83 26.65 -1.12 -23.56
C LEU B 83 27.63 -0.70 -24.65
N ARG B 84 28.78 -1.38 -24.70
CA ARG B 84 29.81 -1.07 -25.69
C ARG B 84 29.35 -1.31 -27.12
N GLU B 85 28.64 -2.41 -27.36
CA GLU B 85 28.11 -2.70 -28.69
C GLU B 85 26.96 -1.76 -29.10
N ALA B 86 26.16 -1.34 -28.13
CA ALA B 86 25.17 -0.30 -28.35
C ALA B 86 25.86 0.98 -28.77
N TRP B 87 26.89 1.37 -28.03
CA TRP B 87 27.69 2.56 -28.30
C TRP B 87 28.32 2.53 -29.69
N ARG B 88 29.14 1.50 -29.95
CA ARG B 88 29.72 1.25 -31.28
C ARG B 88 28.71 1.54 -32.41
N ARG B 89 27.49 1.00 -32.27
CA ARG B 89 26.43 1.13 -33.27
C ARG B 89 25.72 2.49 -33.27
N ILE B 90 25.91 3.26 -32.20
CA ILE B 90 25.42 4.63 -32.13
C ILE B 90 26.47 5.55 -32.76
N GLN B 91 27.73 5.37 -32.34
CA GLN B 91 28.87 6.14 -32.81
C GLN B 91 29.06 6.08 -34.32
N ALA B 92 28.57 4.99 -34.93
CA ALA B 92 28.69 4.77 -36.35
C ALA B 92 27.53 5.40 -37.12
N LYS B 93 26.44 5.71 -36.40
CA LYS B 93 25.29 6.41 -36.99
C LYS B 93 25.51 7.93 -37.05
N GLY B 94 26.69 8.39 -36.67
CA GLY B 94 27.04 9.81 -36.72
C GLY B 94 27.15 10.49 -35.37
N TYR B 95 26.51 9.89 -34.35
CA TYR B 95 26.38 10.51 -33.04
C TYR B 95 27.64 10.50 -32.22
N THR B 96 27.81 11.57 -31.45
CA THR B 96 28.84 11.62 -30.42
C THR B 96 28.14 11.91 -29.09
N LEU B 97 28.87 11.83 -27.99
CA LEU B 97 28.25 11.94 -26.68
C LEU B 97 28.21 13.37 -26.18
N GLY B 98 27.04 13.77 -25.69
CA GLY B 98 26.91 14.99 -24.92
C GLY B 98 27.20 14.67 -23.48
N ASN B 99 26.21 14.08 -22.79
CA ASN B 99 26.41 13.71 -21.40
C ASN B 99 25.33 12.72 -20.91
N VAL B 100 25.61 12.02 -19.83
CA VAL B 100 24.60 11.12 -19.22
C VAL B 100 24.42 11.37 -17.73
N ASP B 101 23.24 10.98 -17.21
CA ASP B 101 22.94 11.08 -15.79
C ASP B 101 22.08 9.85 -15.46
N VAL B 102 22.53 9.09 -14.47
CA VAL B 102 21.90 7.84 -14.08
C VAL B 102 21.45 7.98 -12.62
N THR B 103 20.24 7.50 -12.32
CA THR B 103 19.67 7.59 -10.98
C THR B 103 19.22 6.19 -10.53
N ILE B 104 19.93 5.62 -9.58
CA ILE B 104 19.63 4.29 -9.04
C ILE B 104 18.66 4.45 -7.86
N ILE B 105 17.67 3.58 -7.78
CA ILE B 105 16.62 3.70 -6.77
C ILE B 105 16.55 2.37 -6.03
N ALA B 106 17.11 2.36 -4.84
CA ALA B 106 17.26 1.17 -4.02
C ALA B 106 17.24 1.60 -2.56
N GLN B 107 16.56 0.81 -1.73
CA GLN B 107 16.60 1.00 -0.29
C GLN B 107 17.92 0.50 0.25
N ALA B 108 18.38 -0.60 -0.33
CA ALA B 108 19.61 -1.27 0.05
C ALA B 108 19.99 -2.16 -1.13
N PRO B 109 21.28 -2.53 -1.25
CA PRO B 109 22.40 -2.10 -0.41
C PRO B 109 22.76 -0.61 -0.56
N LYS B 110 23.69 -0.14 0.27
CA LYS B 110 24.27 1.19 0.08
C LYS B 110 25.00 1.22 -1.25
N MET B 111 24.86 2.31 -1.99
CA MET B 111 25.43 2.39 -3.34
C MET B 111 26.59 3.36 -3.36
N LEU B 112 26.51 4.38 -2.50
CA LEU B 112 27.43 5.50 -2.46
C LEU B 112 28.90 5.14 -2.65
N PRO B 113 29.45 4.17 -1.86
CA PRO B 113 30.86 3.86 -2.01
C PRO B 113 31.22 3.22 -3.34
N HIS B 114 30.23 2.70 -4.05
CA HIS B 114 30.49 1.94 -5.28
C HIS B 114 30.35 2.78 -6.55
N ILE B 115 29.72 3.96 -6.42
CA ILE B 115 29.44 4.87 -7.53
C ILE B 115 30.69 5.39 -8.28
N PRO B 116 31.75 5.78 -7.54
CA PRO B 116 33.01 6.17 -8.19
C PRO B 116 33.49 5.18 -9.27
N GLN B 117 33.43 3.89 -9.00
CA GLN B 117 33.90 2.88 -9.95
C GLN B 117 32.89 2.62 -11.07
N MET B 118 31.60 2.83 -10.78
CA MET B 118 30.57 2.76 -11.81
C MET B 118 30.90 3.82 -12.86
N ARG B 119 31.19 5.02 -12.37
CA ARG B 119 31.49 6.15 -13.24
C ARG B 119 32.71 5.90 -14.11
N VAL B 120 33.77 5.32 -13.52
CA VAL B 120 34.98 4.92 -14.26
C VAL B 120 34.68 3.92 -15.37
N PHE B 121 33.89 2.88 -15.06
CA PHE B 121 33.54 1.86 -16.05
C PHE B 121 32.68 2.39 -17.19
N ILE B 122 31.74 3.28 -16.87
CA ILE B 122 30.91 3.91 -17.89
C ILE B 122 31.78 4.80 -18.80
N ALA B 123 32.62 5.63 -18.20
CA ALA B 123 33.49 6.51 -18.98
C ALA B 123 34.33 5.73 -19.98
N GLU B 124 34.93 4.61 -19.53
CA GLU B 124 35.69 3.68 -20.38
C GLU B 124 34.88 3.12 -21.54
N ASP B 125 33.68 2.62 -21.23
CA ASP B 125 32.83 1.99 -22.25
C ASP B 125 32.33 2.96 -23.32
N LEU B 126 32.27 4.25 -22.96
CA LEU B 126 31.80 5.26 -23.89
C LEU B 126 32.92 6.13 -24.46
N GLY B 127 34.15 5.90 -24.00
CA GLY B 127 35.33 6.63 -24.46
C GLY B 127 35.28 8.12 -24.17
N CYS B 128 34.69 8.48 -23.03
CA CYS B 128 34.43 9.87 -22.72
C CYS B 128 35.12 10.25 -21.42
N HIS B 129 35.17 11.54 -21.14
CA HIS B 129 35.71 12.01 -19.89
C HIS B 129 34.78 11.64 -18.73
N MET B 130 35.35 11.59 -17.54
CA MET B 130 34.56 11.40 -16.33
C MET B 130 33.47 12.45 -16.18
N ASP B 131 33.81 13.65 -16.65
CA ASP B 131 32.97 14.85 -16.57
C ASP B 131 31.62 14.70 -17.27
N ASP B 132 31.51 13.76 -18.20
CA ASP B 132 30.29 13.55 -18.97
C ASP B 132 29.36 12.52 -18.34
N VAL B 133 29.74 11.99 -17.18
CA VAL B 133 29.04 10.86 -16.60
C VAL B 133 28.66 11.19 -15.18
N ASN B 134 27.35 11.22 -14.93
CA ASN B 134 26.83 11.36 -13.58
C ASN B 134 26.06 10.12 -13.12
N VAL B 135 26.36 9.66 -11.92
CA VAL B 135 25.64 8.56 -11.28
C VAL B 135 25.36 8.99 -9.86
N LYS B 136 24.11 8.77 -9.44
CA LYS B 136 23.69 9.05 -8.08
C LYS B 136 22.73 7.95 -7.62
N ALA B 137 22.47 7.89 -6.32
CA ALA B 137 21.51 6.91 -5.77
C ALA B 137 20.59 7.54 -4.73
N THR B 138 19.34 7.07 -4.71
CA THR B 138 18.36 7.54 -3.73
C THR B 138 17.53 6.36 -3.18
N THR B 139 16.94 6.54 -2.00
CA THR B 139 15.96 5.57 -1.49
C THR B 139 14.58 6.16 -1.72
N THR B 140 13.55 5.38 -1.44
CA THR B 140 12.21 5.92 -1.36
C THR B 140 11.69 5.87 0.07
N GLU B 141 12.56 6.15 1.04
CA GLU B 141 12.21 6.19 2.48
C GLU B 141 11.29 5.06 2.93
N LYS B 142 11.66 3.81 2.63
CA LYS B 142 10.88 2.63 3.04
C LYS B 142 9.49 2.56 2.39
N LEU B 143 9.25 3.36 1.34
CA LEU B 143 7.96 3.36 0.64
C LEU B 143 8.02 2.67 -0.71
N GLY B 144 6.98 1.92 -1.05
CA GLY B 144 6.91 1.27 -2.35
C GLY B 144 7.74 0.01 -2.41
N PHE B 145 7.73 -0.63 -3.58
CA PHE B 145 8.33 -1.95 -3.73
C PHE B 145 9.85 -1.89 -3.62
N THR B 146 10.40 -0.70 -3.81
CA THR B 146 11.82 -0.46 -3.58
C THR B 146 12.09 -0.16 -2.11
N GLY B 147 11.21 0.64 -1.50
CA GLY B 147 11.32 0.97 -0.09
C GLY B 147 11.25 -0.27 0.80
N ARG B 148 10.45 -1.24 0.38
CA ARG B 148 10.23 -2.44 1.17
C ARG B 148 11.35 -3.46 0.96
N GLY B 149 12.20 -3.19 -0.04
CA GLY B 149 13.36 -4.02 -0.29
C GLY B 149 13.07 -5.18 -1.23
N GLU B 150 12.11 -4.98 -2.12
CA GLU B 150 11.63 -6.05 -2.98
C GLU B 150 12.39 -6.09 -4.30
N GLY B 151 12.94 -4.94 -4.68
CA GLY B 151 13.70 -4.83 -5.92
C GLY B 151 14.42 -3.51 -6.05
N ILE B 152 15.09 -3.31 -7.19
CA ILE B 152 15.85 -2.10 -7.47
C ILE B 152 15.39 -1.55 -8.80
N ALA B 153 15.27 -0.23 -8.87
CA ALA B 153 14.85 0.46 -10.08
C ALA B 153 15.96 1.44 -10.47
N CYS B 154 16.03 1.78 -11.74
CA CYS B 154 16.98 2.79 -12.19
C CYS B 154 16.40 3.63 -13.30
N GLU B 155 16.61 4.94 -13.22
CA GLU B 155 16.24 5.84 -14.30
C GLU B 155 17.51 6.44 -14.89
N ALA B 156 17.50 6.67 -16.19
CA ALA B 156 18.65 7.27 -16.85
C ALA B 156 18.19 8.21 -17.97
N VAL B 157 18.96 9.29 -18.18
CA VAL B 157 18.73 10.23 -19.28
C VAL B 157 20.06 10.51 -20.00
N ALA B 158 20.01 10.80 -21.30
CA ALA B 158 21.22 11.02 -22.08
C ALA B 158 21.02 12.09 -23.16
N LEU B 159 22.09 12.79 -23.49
CA LEU B 159 22.04 13.81 -24.53
C LEU B 159 23.14 13.45 -25.50
N LEU B 160 22.77 13.28 -26.77
CA LEU B 160 23.72 13.00 -27.84
C LEU B 160 23.78 14.16 -28.82
N ILE B 161 24.93 14.32 -29.46
CA ILE B 161 25.11 15.30 -30.51
C ILE B 161 25.01 14.59 -31.85
N LYS B 162 24.09 15.05 -32.71
CA LYS B 162 23.90 14.45 -34.02
C LYS B 162 24.75 15.15 -35.09
N GLU C 6 18.94 27.07 -29.60
CA GLU C 6 18.74 26.70 -28.17
C GLU C 6 17.66 25.64 -28.01
N MET C 7 17.87 24.72 -27.08
CA MET C 7 16.91 23.64 -26.87
C MET C 7 16.27 23.65 -25.49
N ARG C 8 15.18 22.92 -25.34
CA ARG C 8 14.38 22.96 -24.12
C ARG C 8 13.90 21.56 -23.73
N ILE C 9 13.98 21.23 -22.45
CA ILE C 9 13.66 19.88 -21.93
C ILE C 9 12.33 19.88 -21.20
N GLY C 10 11.58 18.81 -21.36
CA GLY C 10 10.37 18.63 -20.58
C GLY C 10 10.20 17.21 -20.10
N HIS C 11 9.34 17.03 -19.11
CA HIS C 11 9.17 15.71 -18.53
C HIS C 11 7.71 15.46 -18.25
N GLY C 12 7.24 14.25 -18.50
CA GLY C 12 5.88 13.87 -18.16
C GLY C 12 5.80 12.53 -17.48
N PHE C 13 4.81 12.40 -16.59
CA PHE C 13 4.50 11.14 -15.90
C PHE C 13 3.00 11.03 -15.69
N ASP C 14 2.40 9.92 -16.13
CA ASP C 14 0.96 9.71 -15.97
C ASP C 14 0.65 8.31 -15.45
N VAL C 15 -0.52 8.17 -14.83
CA VAL C 15 -0.96 6.88 -14.29
C VAL C 15 -2.44 6.66 -14.60
N HIS C 16 -2.76 5.47 -15.11
CA HIS C 16 -4.15 5.08 -15.29
C HIS C 16 -4.47 3.83 -14.48
N ALA C 17 -5.46 3.96 -13.60
CA ALA C 17 -6.00 2.84 -12.83
C ALA C 17 -7.05 2.08 -13.64
N PHE C 18 -6.96 0.75 -13.62
CA PHE C 18 -8.03 -0.09 -14.15
C PHE C 18 -9.28 -0.01 -13.28
N GLY C 19 -10.44 0.08 -13.92
CA GLY C 19 -11.69 0.19 -13.21
C GLY C 19 -12.73 -0.80 -13.71
N GLY C 20 -12.65 -1.12 -14.99
CA GLY C 20 -13.17 -2.39 -15.50
C GLY C 20 -12.11 -3.19 -16.24
N GLU C 21 -10.95 -2.57 -16.45
CA GLU C 21 -9.80 -3.27 -16.99
C GLU C 21 -10.12 -3.89 -18.35
N GLY C 22 -10.44 -3.03 -19.32
CA GLY C 22 -10.53 -3.45 -20.70
C GLY C 22 -11.71 -2.82 -21.42
N PRO C 23 -11.50 -2.44 -22.68
CA PRO C 23 -10.14 -2.28 -23.21
C PRO C 23 -9.42 -1.07 -22.59
N ILE C 24 -8.16 -0.87 -22.95
CA ILE C 24 -7.48 0.39 -22.72
C ILE C 24 -7.09 1.06 -24.03
N ILE C 25 -6.78 2.35 -23.96
CA ILE C 25 -6.19 3.05 -25.09
C ILE C 25 -4.82 3.59 -24.70
N ILE C 26 -3.81 3.23 -25.49
CA ILE C 26 -2.42 3.60 -25.22
C ILE C 26 -1.79 4.06 -26.52
N GLY C 27 -1.17 5.24 -26.51
CA GLY C 27 -0.59 5.84 -27.72
C GLY C 27 -1.59 6.00 -28.86
N GLY C 28 -2.85 6.25 -28.51
CA GLY C 28 -3.93 6.33 -29.50
C GLY C 28 -4.42 4.99 -30.01
N VAL C 29 -3.86 3.90 -29.49
CA VAL C 29 -4.24 2.54 -29.92
C VAL C 29 -5.10 1.83 -28.86
N ARG C 30 -6.21 1.25 -29.31
CA ARG C 30 -7.12 0.50 -28.45
C ARG C 30 -6.59 -0.91 -28.29
N ILE C 31 -6.29 -1.30 -27.05
CA ILE C 31 -5.67 -2.60 -26.78
C ILE C 31 -6.59 -3.43 -25.88
N PRO C 32 -6.98 -4.64 -26.33
CA PRO C 32 -7.84 -5.49 -25.51
C PRO C 32 -7.09 -6.03 -24.30
N TYR C 33 -7.59 -5.71 -23.11
CA TYR C 33 -7.00 -6.26 -21.89
C TYR C 33 -7.82 -7.43 -21.35
N GLU C 34 -7.20 -8.60 -21.42
CA GLU C 34 -7.80 -9.87 -20.98
C GLU C 34 -7.06 -10.43 -19.75
N SER C 41 -10.82 11.32 -18.27
CA SER C 41 -10.22 11.23 -19.60
C SER C 41 -10.32 9.81 -20.15
N ASP C 42 -9.66 9.57 -21.28
CA ASP C 42 -9.76 8.29 -21.97
C ASP C 42 -8.66 7.35 -21.52
N GLY C 43 -7.79 7.82 -20.63
CA GLY C 43 -6.96 6.95 -19.84
C GLY C 43 -5.64 6.63 -20.52
N ASP C 44 -5.35 7.35 -21.60
CA ASP C 44 -4.15 7.10 -22.40
C ASP C 44 -2.91 7.68 -21.72
N VAL C 45 -2.19 6.83 -20.99
CA VAL C 45 -1.02 7.27 -20.22
C VAL C 45 0.15 7.76 -21.10
N ALA C 46 0.34 7.11 -22.24
CA ALA C 46 1.45 7.42 -23.16
C ALA C 46 1.31 8.83 -23.71
N LEU C 47 0.15 9.15 -24.27
CA LEU C 47 -0.07 10.46 -24.85
C LEU C 47 -0.23 11.53 -23.82
N HIS C 48 -0.85 11.20 -22.67
CA HIS C 48 -0.94 12.14 -21.56
C HIS C 48 0.42 12.54 -21.02
N ALA C 49 1.32 11.58 -20.86
CA ALA C 49 2.65 11.88 -20.34
C ALA C 49 3.47 12.63 -21.40
N LEU C 50 3.27 12.31 -22.67
CA LEU C 50 4.01 12.97 -23.78
C LEU C 50 3.59 14.43 -23.90
N THR C 51 2.28 14.67 -23.82
CA THR C 51 1.69 16.00 -23.81
C THR C 51 2.23 16.87 -22.67
N ASP C 52 2.21 16.34 -21.44
CA ASP C 52 2.78 17.05 -20.27
C ASP C 52 4.26 17.40 -20.47
N ALA C 53 5.02 16.50 -21.07
CA ALA C 53 6.44 16.69 -21.36
C ALA C 53 6.69 17.81 -22.37
N LEU C 54 5.90 17.82 -23.45
CA LEU C 54 5.98 18.89 -24.45
C LEU C 54 5.53 20.22 -23.85
N LEU C 55 4.44 20.20 -23.07
CA LEU C 55 3.97 21.43 -22.44
C LEU C 55 4.94 21.91 -21.38
N GLY C 56 5.61 20.98 -20.72
CA GLY C 56 6.65 21.31 -19.76
C GLY C 56 7.88 21.96 -20.38
N ALA C 57 8.31 21.43 -21.52
CA ALA C 57 9.45 21.97 -22.24
C ALA C 57 9.19 23.43 -22.64
N ALA C 58 7.94 23.72 -22.95
CA ALA C 58 7.44 25.04 -23.30
C ALA C 58 6.99 25.87 -22.09
N ALA C 59 7.23 25.36 -20.89
CA ALA C 59 6.79 26.06 -19.67
C ALA C 59 5.34 26.54 -19.77
N LEU C 60 4.52 25.73 -20.44
CA LEU C 60 3.10 25.99 -20.53
C LEU C 60 2.33 25.06 -19.58
N GLY C 61 2.94 24.67 -18.46
CA GLY C 61 2.22 23.93 -17.41
C GLY C 61 2.04 22.46 -17.71
N ASP C 62 0.78 22.03 -17.81
CA ASP C 62 0.43 20.63 -18.09
C ASP C 62 -0.94 20.53 -18.75
N ILE C 63 -1.38 19.30 -19.05
CA ILE C 63 -2.73 19.08 -19.59
C ILE C 63 -3.81 19.69 -18.68
N GLY C 64 -3.73 19.41 -17.41
CA GLY C 64 -4.69 19.91 -16.46
C GLY C 64 -4.76 21.40 -16.38
N LYS C 65 -3.71 22.11 -16.75
CA LYS C 65 -3.72 23.54 -16.70
C LYS C 65 -4.42 24.14 -17.88
N LEU C 66 -4.16 23.60 -19.07
CA LEU C 66 -4.80 24.03 -20.30
C LEU C 66 -6.23 23.54 -20.47
N PHE C 67 -6.47 22.30 -20.13
CA PHE C 67 -7.80 21.71 -20.29
C PHE C 67 -8.31 21.14 -18.97
N PRO C 68 -8.75 22.01 -18.03
CA PRO C 68 -9.23 21.54 -16.73
C PRO C 68 -10.45 20.64 -16.86
N ASP C 69 -10.64 19.73 -15.91
CA ASP C 69 -11.83 18.87 -15.89
C ASP C 69 -13.08 19.70 -15.60
N THR C 70 -12.89 20.85 -14.98
CA THR C 70 -13.98 21.79 -14.69
C THR C 70 -14.50 22.47 -15.97
N ASP C 71 -13.61 22.74 -16.92
CA ASP C 71 -13.96 23.40 -18.17
C ASP C 71 -14.70 22.44 -19.10
N PRO C 72 -15.98 22.74 -19.37
CA PRO C 72 -16.84 21.94 -20.27
C PRO C 72 -16.42 21.88 -21.75
N ALA C 73 -15.50 22.76 -22.18
CA ALA C 73 -15.14 22.89 -23.60
C ALA C 73 -14.40 21.69 -24.21
N PHE C 74 -13.78 20.87 -23.37
CA PHE C 74 -13.04 19.70 -23.82
C PHE C 74 -13.62 18.42 -23.24
N LYS C 75 -14.89 18.50 -22.81
CA LYS C 75 -15.63 17.34 -22.37
C LYS C 75 -15.71 16.37 -23.55
N GLY C 76 -15.26 15.14 -23.33
CA GLY C 76 -15.27 14.11 -24.36
C GLY C 76 -14.11 14.15 -25.36
N ALA C 77 -13.15 15.05 -25.15
CA ALA C 77 -11.95 15.12 -25.98
C ALA C 77 -11.05 13.92 -25.70
N ASP C 78 -10.57 13.27 -26.77
CA ASP C 78 -9.61 12.19 -26.61
C ASP C 78 -8.18 12.72 -26.52
N SER C 79 -7.24 11.81 -26.26
CA SER C 79 -5.88 12.20 -25.96
C SER C 79 -5.12 12.74 -27.18
N ARG C 80 -5.48 12.28 -28.37
CA ARG C 80 -4.84 12.77 -29.60
C ARG C 80 -5.30 14.18 -29.91
N GLU C 81 -6.56 14.47 -29.57
CA GLU C 81 -7.09 15.80 -29.75
C GLU C 81 -6.42 16.80 -28.82
N LEU C 82 -6.21 16.43 -27.56
CA LEU C 82 -5.49 17.26 -26.61
C LEU C 82 -4.02 17.39 -26.97
N LEU C 83 -3.43 16.31 -27.48
CA LEU C 83 -2.05 16.33 -27.97
C LEU C 83 -1.87 17.35 -29.09
N ARG C 84 -2.74 17.31 -30.10
CA ARG C 84 -2.69 18.23 -31.26
C ARG C 84 -2.96 19.69 -30.87
N GLU C 85 -3.91 19.89 -29.95
CA GLU C 85 -4.19 21.24 -29.45
C GLU C 85 -3.03 21.80 -28.62
N ALA C 86 -2.47 20.96 -27.76
CA ALA C 86 -1.26 21.31 -27.00
C ALA C 86 -0.13 21.72 -27.95
N TRP C 87 0.12 20.93 -28.98
CA TRP C 87 1.19 21.20 -29.95
C TRP C 87 0.98 22.49 -30.74
N ARG C 88 -0.29 22.80 -31.03
CA ARG C 88 -0.64 24.05 -31.70
C ARG C 88 -0.17 25.25 -30.87
N ARG C 89 -0.47 25.22 -29.58
CA ARG C 89 -0.09 26.31 -28.68
C ARG C 89 1.41 26.41 -28.47
N ILE C 90 2.11 25.28 -28.53
CA ILE C 90 3.55 25.25 -28.38
C ILE C 90 4.22 25.87 -29.61
N GLN C 91 3.75 25.49 -30.79
CA GLN C 91 4.29 26.02 -32.04
C GLN C 91 4.02 27.52 -32.13
N ALA C 92 2.85 27.93 -31.61
CA ALA C 92 2.46 29.33 -31.55
C ALA C 92 3.45 30.16 -30.74
N LYS C 93 4.06 29.53 -29.74
CA LYS C 93 5.10 30.17 -28.92
C LYS C 93 6.50 30.08 -29.52
N GLY C 94 6.61 29.59 -30.75
CA GLY C 94 7.87 29.61 -31.50
C GLY C 94 8.75 28.38 -31.37
N TYR C 95 8.18 27.29 -30.88
CA TYR C 95 8.92 26.04 -30.72
C TYR C 95 8.64 25.08 -31.85
N THR C 96 9.68 24.35 -32.23
CA THR C 96 9.58 23.27 -33.19
C THR C 96 10.12 22.04 -32.46
N LEU C 97 9.88 20.86 -32.99
CA LEU C 97 10.25 19.62 -32.32
C LEU C 97 11.72 19.24 -32.51
N GLY C 98 12.36 18.82 -31.42
CA GLY C 98 13.61 18.07 -31.50
C GLY C 98 13.32 16.58 -31.58
N ASN C 99 13.08 15.96 -30.41
CA ASN C 99 12.67 14.56 -30.37
C ASN C 99 11.98 14.21 -29.05
N VAL C 100 11.28 13.08 -29.02
CA VAL C 100 10.53 12.62 -27.83
C VAL C 100 10.83 11.16 -27.53
N ASP C 101 10.83 10.80 -26.25
CA ASP C 101 11.08 9.42 -25.83
C ASP C 101 10.00 9.09 -24.79
N VAL C 102 9.26 8.02 -25.07
CA VAL C 102 8.14 7.63 -24.24
C VAL C 102 8.43 6.22 -23.73
N THR C 103 8.14 5.97 -22.45
CA THR C 103 8.35 4.66 -21.84
C THR C 103 7.13 4.23 -21.05
N ILE C 104 6.41 3.23 -21.56
CA ILE C 104 5.20 2.69 -20.96
C ILE C 104 5.55 1.62 -19.93
N ILE C 105 4.94 1.71 -18.75
CA ILE C 105 5.23 0.80 -17.65
C ILE C 105 3.95 0.04 -17.34
N ALA C 106 3.97 -1.25 -17.65
CA ALA C 106 2.78 -2.09 -17.65
C ALA C 106 3.18 -3.54 -17.53
N GLN C 107 2.52 -4.28 -16.64
CA GLN C 107 2.71 -5.72 -16.54
C GLN C 107 2.00 -6.41 -17.69
N ALA C 108 0.88 -5.84 -18.10
CA ALA C 108 0.05 -6.33 -19.19
C ALA C 108 -0.93 -5.20 -19.55
N PRO C 109 -1.56 -5.26 -20.74
CA PRO C 109 -1.38 -6.23 -21.82
C PRO C 109 -0.05 -6.02 -22.53
N LYS C 110 0.23 -6.83 -23.54
CA LYS C 110 1.46 -6.71 -24.30
C LYS C 110 1.35 -5.52 -25.24
N MET C 111 2.33 -4.62 -25.16
CA MET C 111 2.31 -3.38 -25.93
C MET C 111 3.04 -3.53 -27.25
N LEU C 112 4.10 -4.34 -27.27
CA LEU C 112 5.01 -4.40 -28.43
C LEU C 112 4.34 -4.45 -29.80
N PRO C 113 3.32 -5.31 -30.01
CA PRO C 113 2.71 -5.38 -31.34
C PRO C 113 2.07 -4.07 -31.79
N HIS C 114 1.83 -3.16 -30.85
CA HIS C 114 1.06 -1.95 -31.11
C HIS C 114 1.91 -0.70 -31.18
N ILE C 115 3.15 -0.82 -30.73
CA ILE C 115 4.07 0.31 -30.68
C ILE C 115 4.31 0.98 -32.06
N PRO C 116 4.59 0.19 -33.11
CA PRO C 116 4.76 0.84 -34.43
C PRO C 116 3.60 1.78 -34.78
N GLN C 117 2.38 1.38 -34.44
CA GLN C 117 1.19 2.18 -34.71
C GLN C 117 1.16 3.45 -33.85
N MET C 118 1.45 3.31 -32.56
CA MET C 118 1.59 4.46 -31.65
C MET C 118 2.59 5.49 -32.21
N ARG C 119 3.75 5.00 -32.62
CA ARG C 119 4.78 5.89 -33.17
C ARG C 119 4.22 6.70 -34.32
N VAL C 120 3.55 6.03 -35.26
CA VAL C 120 2.93 6.67 -36.43
C VAL C 120 1.90 7.73 -36.02
N PHE C 121 1.01 7.40 -35.07
CA PHE C 121 0.04 8.34 -34.56
C PHE C 121 0.70 9.60 -33.97
N ILE C 122 1.80 9.42 -33.24
CA ILE C 122 2.51 10.54 -32.63
C ILE C 122 3.20 11.42 -33.70
N ALA C 123 3.92 10.78 -34.62
CA ALA C 123 4.61 11.52 -35.70
C ALA C 123 3.64 12.39 -36.49
N GLU C 124 2.54 11.80 -36.93
CA GLU C 124 1.47 12.54 -37.61
C GLU C 124 0.93 13.72 -36.78
N ASP C 125 0.53 13.44 -35.53
CA ASP C 125 0.03 14.50 -34.62
C ASP C 125 1.04 15.63 -34.38
N LEU C 126 2.33 15.33 -34.36
CA LEU C 126 3.35 16.36 -34.15
C LEU C 126 3.97 16.89 -35.46
N GLY C 127 3.55 16.33 -36.58
CA GLY C 127 4.06 16.71 -37.90
C GLY C 127 5.56 16.53 -38.05
N CYS C 128 6.08 15.44 -37.50
CA CYS C 128 7.53 15.20 -37.48
C CYS C 128 7.90 13.87 -38.12
N HIS C 129 9.21 13.63 -38.25
CA HIS C 129 9.74 12.39 -38.78
C HIS C 129 9.55 11.25 -37.79
N MET C 130 9.40 10.05 -38.31
CA MET C 130 9.35 8.84 -37.48
C MET C 130 10.59 8.72 -36.60
N ASP C 131 11.76 9.08 -37.15
CA ASP C 131 13.01 9.01 -36.39
C ASP C 131 13.13 10.02 -35.25
N ASP C 132 12.13 10.89 -35.08
CA ASP C 132 12.07 11.81 -33.94
C ASP C 132 11.16 11.26 -32.82
N VAL C 133 10.62 10.06 -33.00
CA VAL C 133 9.66 9.48 -32.04
C VAL C 133 10.13 8.12 -31.56
N ASN C 134 10.45 8.03 -30.26
CA ASN C 134 10.82 6.76 -29.67
C ASN C 134 9.81 6.36 -28.61
N VAL C 135 9.25 5.16 -28.76
CA VAL C 135 8.32 4.59 -27.80
C VAL C 135 8.80 3.19 -27.43
N LYS C 136 8.86 2.92 -26.12
CA LYS C 136 9.14 1.58 -25.61
C LYS C 136 8.14 1.17 -24.51
N ALA C 137 8.12 -0.12 -24.20
CA ALA C 137 7.30 -0.65 -23.11
C ALA C 137 8.17 -1.52 -22.23
N THR C 138 7.87 -1.52 -20.94
CA THR C 138 8.66 -2.29 -19.98
C THR C 138 7.79 -2.67 -18.78
N THR C 139 8.22 -3.65 -17.98
CA THR C 139 7.45 -4.08 -16.82
C THR C 139 8.18 -3.73 -15.54
N THR C 140 7.49 -3.87 -14.40
CA THR C 140 8.17 -3.80 -13.10
C THR C 140 8.39 -5.18 -12.50
N GLU C 141 8.38 -6.22 -13.33
CA GLU C 141 8.68 -7.59 -12.90
C GLU C 141 7.77 -8.04 -11.74
N LYS C 142 6.49 -7.71 -11.84
CA LYS C 142 5.46 -8.09 -10.84
C LYS C 142 5.51 -7.30 -9.52
N LEU C 143 6.27 -6.20 -9.52
CA LEU C 143 6.45 -5.39 -8.33
C LEU C 143 5.59 -4.13 -8.36
N GLY C 144 5.09 -3.72 -7.19
CA GLY C 144 4.29 -2.51 -7.02
C GLY C 144 2.93 -2.57 -7.68
N PHE C 145 2.21 -1.45 -7.71
CA PHE C 145 0.87 -1.41 -8.32
C PHE C 145 0.79 -1.81 -9.79
N THR C 146 1.77 -1.42 -10.61
CA THR C 146 1.79 -1.89 -11.99
C THR C 146 2.06 -3.40 -12.02
N GLY C 147 3.02 -3.85 -11.24
CA GLY C 147 3.36 -5.26 -11.22
C GLY C 147 2.20 -6.12 -10.75
N ARG C 148 1.39 -5.61 -9.83
CA ARG C 148 0.20 -6.34 -9.29
C ARG C 148 -1.02 -6.31 -10.23
N GLY C 149 -0.88 -5.57 -11.33
CA GLY C 149 -1.95 -5.43 -12.31
C GLY C 149 -3.02 -4.40 -11.98
N GLU C 150 -2.73 -3.48 -11.05
CA GLU C 150 -3.72 -2.48 -10.61
C GLU C 150 -3.93 -1.32 -11.59
N GLY C 151 -2.92 -1.10 -12.44
CA GLY C 151 -2.94 0.03 -13.35
C GLY C 151 -1.67 0.05 -14.19
N ILE C 152 -1.47 1.14 -14.91
CA ILE C 152 -0.32 1.25 -15.82
C ILE C 152 0.20 2.65 -15.72
N ALA C 153 1.46 2.85 -16.12
CA ALA C 153 2.06 4.16 -15.95
C ALA C 153 2.92 4.46 -17.17
N CYS C 154 3.36 5.70 -17.30
CA CYS C 154 4.21 6.11 -18.44
C CYS C 154 5.06 7.28 -18.05
N GLU C 155 6.34 7.19 -18.40
CA GLU C 155 7.29 8.28 -18.25
C GLU C 155 7.62 8.79 -19.63
N ALA C 156 7.71 10.10 -19.79
CA ALA C 156 8.04 10.67 -21.09
C ALA C 156 8.97 11.86 -20.93
N VAL C 157 9.84 12.05 -21.92
CA VAL C 157 10.74 13.21 -22.00
C VAL C 157 10.71 13.77 -23.42
N ALA C 158 10.98 15.07 -23.55
CA ALA C 158 10.92 15.77 -24.85
C ALA C 158 11.94 16.88 -24.96
N LEU C 159 12.46 17.08 -26.17
CA LEU C 159 13.34 18.19 -26.47
C LEU C 159 12.71 19.07 -27.56
N LEU C 160 12.53 20.36 -27.26
CA LEU C 160 12.01 21.33 -28.22
C LEU C 160 13.13 22.22 -28.72
N ILE C 161 12.94 22.83 -29.87
CA ILE C 161 13.91 23.81 -30.38
C ILE C 161 13.35 25.23 -30.32
N LYS C 162 14.19 26.16 -29.81
CA LYS C 162 14.03 27.63 -29.94
C LYS C 162 12.65 28.19 -29.58
N GLU D 6 -19.89 -22.76 32.88
CA GLU D 6 -20.22 -21.82 31.76
C GLU D 6 -18.98 -21.27 31.04
N MET D 7 -19.21 -20.68 29.87
CA MET D 7 -18.12 -20.35 28.95
C MET D 7 -17.68 -18.90 29.06
N ARG D 8 -16.43 -18.63 28.70
CA ARG D 8 -15.88 -17.28 28.67
C ARG D 8 -15.29 -17.01 27.30
N ILE D 9 -15.60 -15.87 26.72
CA ILE D 9 -15.10 -15.54 25.37
C ILE D 9 -13.93 -14.57 25.38
N GLY D 10 -13.01 -14.76 24.44
CA GLY D 10 -11.90 -13.82 24.27
C GLY D 10 -11.56 -13.65 22.81
N HIS D 11 -10.83 -12.58 22.49
CA HIS D 11 -10.49 -12.21 21.12
C HIS D 11 -9.12 -11.56 21.12
N GLY D 12 -8.34 -11.83 20.07
CA GLY D 12 -7.01 -11.30 19.97
C GLY D 12 -6.71 -10.89 18.54
N PHE D 13 -5.81 -9.93 18.38
CA PHE D 13 -5.44 -9.43 17.07
C PHE D 13 -4.00 -8.93 17.15
N ASP D 14 -3.21 -9.24 16.13
CA ASP D 14 -1.82 -8.85 16.11
C ASP D 14 -1.37 -8.65 14.68
N VAL D 15 -0.40 -7.76 14.51
CA VAL D 15 0.18 -7.40 13.22
C VAL D 15 1.68 -7.23 13.41
N HIS D 16 2.47 -7.82 12.51
CA HIS D 16 3.89 -7.50 12.41
C HIS D 16 4.31 -7.20 10.97
N ALA D 17 5.19 -6.21 10.82
CA ALA D 17 5.76 -5.80 9.53
C ALA D 17 6.88 -6.73 9.08
N PHE D 18 6.99 -6.96 7.78
CA PHE D 18 8.12 -7.69 7.21
C PHE D 18 9.38 -6.84 7.31
N GLY D 19 10.52 -7.52 7.38
CA GLY D 19 11.80 -6.82 7.45
C GLY D 19 12.95 -7.80 7.63
N GLY D 20 14.15 -7.39 7.24
CA GLY D 20 15.31 -8.28 7.29
C GLY D 20 15.08 -9.49 6.41
N GLU D 21 15.82 -10.56 6.67
CA GLU D 21 15.65 -11.81 5.94
C GLU D 21 14.90 -12.88 6.74
N GLY D 22 14.41 -13.88 6.02
CA GLY D 22 13.70 -15.00 6.63
C GLY D 22 14.61 -15.98 7.37
N PRO D 23 14.03 -17.06 7.94
CA PRO D 23 12.61 -17.42 7.81
C PRO D 23 11.70 -16.62 8.75
N ILE D 24 10.39 -16.82 8.61
CA ILE D 24 9.42 -16.29 9.57
C ILE D 24 8.98 -17.43 10.50
N ILE D 25 8.43 -17.08 11.64
CA ILE D 25 7.94 -18.09 12.59
C ILE D 25 6.44 -17.85 12.91
N ILE D 26 5.59 -18.78 12.46
CA ILE D 26 4.14 -18.64 12.62
C ILE D 26 3.58 -19.88 13.30
N GLY D 27 2.81 -19.69 14.36
CA GLY D 27 2.29 -20.82 15.13
C GLY D 27 3.41 -21.75 15.57
N GLY D 28 4.56 -21.18 15.90
CA GLY D 28 5.73 -21.96 16.30
C GLY D 28 6.51 -22.66 15.21
N VAL D 29 6.09 -22.51 13.95
CA VAL D 29 6.73 -23.16 12.81
C VAL D 29 7.59 -22.18 12.00
N ARG D 30 8.86 -22.55 11.76
CA ARG D 30 9.72 -21.81 10.84
C ARG D 30 9.28 -22.00 9.38
N ILE D 31 8.87 -20.91 8.74
CA ILE D 31 8.45 -20.96 7.35
C ILE D 31 9.43 -20.15 6.49
N PRO D 32 10.05 -20.78 5.48
CA PRO D 32 10.94 -20.05 4.58
C PRO D 32 10.18 -18.97 3.81
N TYR D 33 10.80 -17.80 3.69
CA TYR D 33 10.27 -16.69 2.92
C TYR D 33 11.41 -15.75 2.60
N GLU D 34 11.23 -14.93 1.56
CA GLU D 34 12.26 -13.97 1.11
C GLU D 34 12.52 -12.84 2.11
N LYS D 35 11.63 -12.71 3.09
CA LYS D 35 11.78 -11.73 4.17
C LYS D 35 11.51 -12.37 5.53
N GLY D 36 11.93 -11.68 6.59
CA GLY D 36 11.63 -12.08 7.95
C GLY D 36 10.64 -11.11 8.54
N LEU D 37 10.27 -11.32 9.81
CA LEU D 37 9.37 -10.40 10.48
C LEU D 37 10.10 -9.48 11.48
N LEU D 38 9.81 -8.19 11.39
CA LEU D 38 10.25 -7.23 12.38
C LEU D 38 9.35 -7.34 13.60
N ALA D 39 9.96 -7.43 14.78
CA ALA D 39 9.21 -7.37 16.03
C ALA D 39 10.13 -7.60 17.22
N HIS D 40 9.69 -7.15 18.40
CA HIS D 40 10.56 -7.08 19.57
C HIS D 40 10.76 -8.46 20.18
N SER D 41 9.78 -9.33 20.01
CA SER D 41 9.98 -10.76 20.13
C SER D 41 10.12 -11.42 18.76
N ASP D 42 9.89 -12.72 18.70
CA ASP D 42 10.17 -13.51 17.50
C ASP D 42 9.17 -13.21 16.40
N GLY D 43 8.11 -12.48 16.75
CA GLY D 43 7.21 -11.92 15.75
C GLY D 43 6.16 -12.91 15.31
N ASP D 44 5.87 -13.89 16.16
CA ASP D 44 4.84 -14.87 15.87
C ASP D 44 3.44 -14.29 16.06
N VAL D 45 2.86 -13.80 14.97
CA VAL D 45 1.57 -13.12 15.04
C VAL D 45 0.46 -14.07 15.46
N ALA D 46 0.56 -15.32 15.01
CA ALA D 46 -0.45 -16.33 15.31
C ALA D 46 -0.50 -16.63 16.81
N LEU D 47 0.64 -16.98 17.39
CA LEU D 47 0.71 -17.27 18.81
C LEU D 47 0.44 -16.05 19.66
N HIS D 48 0.88 -14.88 19.18
CA HIS D 48 0.58 -13.62 19.84
C HIS D 48 -0.91 -13.30 19.92
N ALA D 49 -1.65 -13.47 18.83
CA ALA D 49 -3.08 -13.19 18.83
C ALA D 49 -3.85 -14.21 19.67
N LEU D 50 -3.38 -15.46 19.64
CA LEU D 50 -3.98 -16.54 20.41
C LEU D 50 -3.86 -16.29 21.92
N THR D 51 -2.65 -15.97 22.36
CA THR D 51 -2.38 -15.62 23.75
C THR D 51 -3.26 -14.47 24.23
N ASP D 52 -3.33 -13.38 23.44
CA ASP D 52 -4.26 -12.28 23.76
C ASP D 52 -5.72 -12.73 23.87
N ALA D 53 -6.13 -13.66 23.01
CA ALA D 53 -7.51 -14.16 23.04
C ALA D 53 -7.79 -14.96 24.31
N LEU D 54 -6.84 -15.78 24.72
CA LEU D 54 -7.00 -16.57 25.92
C LEU D 54 -6.94 -15.69 27.17
N LEU D 55 -6.03 -14.71 27.16
CA LEU D 55 -5.89 -13.75 28.27
C LEU D 55 -7.15 -12.88 28.40
N GLY D 56 -7.67 -12.43 27.26
CA GLY D 56 -8.92 -11.69 27.17
C GLY D 56 -10.10 -12.45 27.76
N ALA D 57 -10.21 -13.74 27.46
CA ALA D 57 -11.29 -14.54 28.00
C ALA D 57 -11.16 -14.71 29.52
N ALA D 58 -9.91 -14.64 29.98
CA ALA D 58 -9.56 -14.75 31.40
C ALA D 58 -9.60 -13.39 32.12
N ALA D 59 -9.88 -12.32 31.38
CA ALA D 59 -9.86 -10.96 31.93
C ALA D 59 -8.52 -10.60 32.55
N LEU D 60 -7.45 -11.20 32.03
CA LEU D 60 -6.09 -10.88 32.46
C LEU D 60 -5.37 -10.01 31.44
N GLY D 61 -6.10 -9.12 30.76
CA GLY D 61 -5.48 -8.10 29.91
C GLY D 61 -4.97 -8.57 28.56
N ASP D 62 -3.65 -8.64 28.44
CA ASP D 62 -2.99 -9.00 27.18
C ASP D 62 -1.51 -9.31 27.40
N ILE D 63 -0.84 -9.74 26.36
CA ILE D 63 0.57 -10.14 26.44
C ILE D 63 1.47 -9.01 27.00
N GLY D 64 1.24 -7.78 26.54
CA GLY D 64 2.00 -6.61 27.01
C GLY D 64 1.83 -6.31 28.49
N LYS D 65 0.62 -6.52 29.01
CA LYS D 65 0.36 -6.35 30.44
C LYS D 65 1.10 -7.39 31.27
N LEU D 66 1.16 -8.62 30.77
CA LEU D 66 1.80 -9.71 31.50
C LEU D 66 3.33 -9.70 31.35
N PHE D 67 3.79 -9.42 30.14
CA PHE D 67 5.21 -9.54 29.82
C PHE D 67 5.74 -8.26 29.17
N PRO D 68 6.17 -7.32 30.00
CA PRO D 68 6.54 -5.98 29.54
C PRO D 68 7.88 -5.98 28.83
N ASP D 69 8.16 -4.92 28.08
CA ASP D 69 9.45 -4.76 27.42
C ASP D 69 10.59 -4.66 28.44
N THR D 70 10.22 -4.59 29.72
CA THR D 70 11.18 -4.32 30.78
C THR D 70 11.66 -5.61 31.43
N ASP D 71 10.70 -6.41 31.91
CA ASP D 71 11.02 -7.59 32.73
C ASP D 71 12.11 -8.51 32.15
N PRO D 72 13.25 -8.62 32.86
CA PRO D 72 14.38 -9.49 32.51
C PRO D 72 14.04 -10.98 32.37
N ALA D 73 13.11 -11.49 33.16
CA ALA D 73 12.77 -12.92 33.15
C ALA D 73 12.12 -13.39 31.84
N PHE D 74 11.83 -12.43 30.94
CA PHE D 74 11.17 -12.74 29.67
C PHE D 74 11.82 -12.05 28.46
N LYS D 75 12.88 -11.28 28.70
CA LYS D 75 13.66 -10.71 27.61
C LYS D 75 14.31 -11.86 26.85
N GLY D 76 13.98 -11.97 25.57
CA GLY D 76 14.45 -13.07 24.74
C GLY D 76 13.52 -14.27 24.63
N ALA D 77 12.40 -14.25 25.35
CA ALA D 77 11.40 -15.33 25.26
C ALA D 77 10.77 -15.42 23.88
N ASP D 78 10.71 -16.63 23.32
CA ASP D 78 9.95 -16.88 22.09
C ASP D 78 8.44 -16.94 22.42
N SER D 79 7.59 -17.07 21.41
CA SER D 79 6.15 -16.93 21.61
C SER D 79 5.49 -18.14 22.31
N ARG D 80 6.10 -19.32 22.14
CA ARG D 80 5.59 -20.53 22.79
C ARG D 80 5.81 -20.48 24.28
N GLU D 81 6.96 -19.96 24.67
CA GLU D 81 7.28 -19.75 26.07
C GLU D 81 6.28 -18.81 26.74
N LEU D 82 5.95 -17.71 26.06
CA LEU D 82 4.93 -16.77 26.54
C LEU D 82 3.53 -17.36 26.53
N LEU D 83 3.23 -18.20 25.53
CA LEU D 83 1.95 -18.89 25.47
C LEU D 83 1.74 -19.82 26.68
N ARG D 84 2.77 -20.59 27.05
CA ARG D 84 2.65 -21.57 28.13
C ARG D 84 2.54 -20.90 29.48
N GLU D 85 3.26 -19.79 29.66
CA GLU D 85 3.22 -19.00 30.89
C GLU D 85 1.88 -18.30 31.09
N ALA D 86 1.31 -17.76 30.00
CA ALA D 86 -0.03 -17.18 30.05
C ALA D 86 -1.03 -18.24 30.46
N TRP D 87 -0.89 -19.43 29.87
CA TRP D 87 -1.81 -20.53 30.09
C TRP D 87 -1.74 -21.04 31.53
N ARG D 88 -0.52 -21.09 32.08
CA ARG D 88 -0.30 -21.42 33.48
C ARG D 88 -1.08 -20.48 34.40
N ARG D 89 -0.99 -19.17 34.12
CA ARG D 89 -1.69 -18.16 34.91
C ARG D 89 -3.20 -18.16 34.73
N ILE D 90 -3.66 -18.50 33.52
CA ILE D 90 -5.08 -18.66 33.25
C ILE D 90 -5.61 -19.86 34.02
N GLN D 91 -4.86 -20.95 33.97
CA GLN D 91 -5.23 -22.17 34.68
C GLN D 91 -5.29 -21.94 36.20
N ALA D 92 -4.38 -21.10 36.70
CA ALA D 92 -4.32 -20.76 38.13
C ALA D 92 -5.51 -19.90 38.60
N LYS D 93 -6.23 -19.32 37.65
CA LYS D 93 -7.46 -18.58 37.93
C LYS D 93 -8.73 -19.44 37.89
N GLY D 94 -8.60 -20.75 37.71
CA GLY D 94 -9.75 -21.66 37.66
C GLY D 94 -10.29 -22.03 36.27
N TYR D 95 -9.57 -21.65 35.23
CA TYR D 95 -10.05 -21.88 33.86
C TYR D 95 -9.44 -23.09 33.21
N THR D 96 -10.26 -23.75 32.40
CA THR D 96 -9.82 -24.81 31.51
C THR D 96 -10.22 -24.45 30.09
N LEU D 97 -9.72 -25.19 29.11
CA LEU D 97 -9.96 -24.80 27.71
C LEU D 97 -11.24 -25.39 27.16
N GLY D 98 -12.05 -24.56 26.52
CA GLY D 98 -13.09 -25.04 25.62
C GLY D 98 -12.46 -25.33 24.26
N ASN D 99 -12.20 -24.28 23.48
CA ASN D 99 -11.56 -24.43 22.17
C ASN D 99 -10.99 -23.10 21.69
N VAL D 100 -10.20 -23.15 20.61
CA VAL D 100 -9.61 -21.96 19.99
C VAL D 100 -9.69 -22.04 18.46
N ASP D 101 -9.85 -20.86 17.82
CA ASP D 101 -9.85 -20.76 16.36
C ASP D 101 -8.97 -19.57 15.99
N VAL D 102 -8.04 -19.79 15.07
CA VAL D 102 -7.00 -18.82 14.71
C VAL D 102 -7.06 -18.61 13.18
N THR D 103 -6.98 -17.35 12.76
CA THR D 103 -7.06 -16.95 11.36
C THR D 103 -5.83 -16.08 11.04
N ILE D 104 -4.86 -16.67 10.35
CA ILE D 104 -3.67 -15.93 9.87
C ILE D 104 -4.07 -15.19 8.61
N ILE D 105 -3.74 -13.91 8.55
CA ILE D 105 -4.10 -13.10 7.40
C ILE D 105 -2.78 -12.69 6.71
N ALA D 106 -2.51 -13.30 5.56
CA ALA D 106 -1.21 -13.17 4.88
C ALA D 106 -1.29 -13.51 3.38
N GLN D 107 -0.67 -12.69 2.54
CA GLN D 107 -0.66 -12.96 1.09
C GLN D 107 0.32 -14.07 0.78
N ALA D 108 1.44 -14.07 1.48
CA ALA D 108 2.47 -15.07 1.34
C ALA D 108 3.35 -14.96 2.57
N PRO D 109 4.11 -16.02 2.90
CA PRO D 109 4.21 -17.33 2.26
C PRO D 109 2.98 -18.20 2.45
N LYS D 110 3.00 -19.34 1.77
CA LYS D 110 1.96 -20.35 1.80
C LYS D 110 1.97 -21.00 3.19
N MET D 111 0.85 -20.90 3.91
CA MET D 111 0.76 -21.42 5.28
C MET D 111 0.31 -22.87 5.33
N LEU D 112 -0.50 -23.26 4.37
CA LEU D 112 -1.22 -24.54 4.38
C LEU D 112 -0.38 -25.76 4.76
N PRO D 113 0.81 -25.95 4.15
CA PRO D 113 1.60 -27.14 4.49
C PRO D 113 2.07 -27.20 5.93
N HIS D 114 2.04 -26.06 6.63
CA HIS D 114 2.63 -25.91 7.96
C HIS D 114 1.57 -25.86 9.06
N ILE D 115 0.31 -25.70 8.66
CA ILE D 115 -0.78 -25.59 9.62
C ILE D 115 -0.90 -26.83 10.51
N PRO D 116 -0.90 -28.06 9.94
CA PRO D 116 -0.94 -29.25 10.83
C PRO D 116 0.03 -29.22 11.99
N GLN D 117 1.23 -28.72 11.78
CA GLN D 117 2.24 -28.65 12.81
C GLN D 117 2.01 -27.53 13.86
N MET D 118 1.46 -26.41 13.39
CA MET D 118 1.02 -25.33 14.28
C MET D 118 0.01 -25.89 15.26
N ARG D 119 -0.96 -26.63 14.73
CA ARG D 119 -2.04 -27.18 15.51
C ARG D 119 -1.49 -28.07 16.62
N VAL D 120 -0.60 -28.98 16.24
CA VAL D 120 0.16 -29.83 17.17
C VAL D 120 0.88 -29.04 18.27
N PHE D 121 1.67 -28.04 17.87
CA PHE D 121 2.32 -27.15 18.81
C PHE D 121 1.34 -26.45 19.80
N ILE D 122 0.24 -25.92 19.29
CA ILE D 122 -0.73 -25.23 20.13
C ILE D 122 -1.36 -26.22 21.10
N ALA D 123 -1.80 -27.37 20.60
CA ALA D 123 -2.39 -28.41 21.44
C ALA D 123 -1.46 -28.88 22.55
N GLU D 124 -0.17 -29.04 22.23
CA GLU D 124 0.83 -29.42 23.23
C GLU D 124 0.99 -28.35 24.31
N ASP D 125 1.12 -27.09 23.89
CA ASP D 125 1.28 -25.97 24.81
C ASP D 125 0.06 -25.72 25.70
N LEU D 126 -1.14 -26.01 25.20
CA LEU D 126 -2.37 -25.75 25.96
C LEU D 126 -2.87 -27.02 26.65
N GLY D 127 -2.15 -28.11 26.47
CA GLY D 127 -2.47 -29.43 27.05
C GLY D 127 -3.84 -29.96 26.66
N CYS D 128 -4.25 -29.76 25.40
CA CYS D 128 -5.61 -30.13 24.98
C CYS D 128 -5.61 -31.12 23.81
N HIS D 129 -6.80 -31.51 23.36
CA HIS D 129 -6.93 -32.35 22.18
C HIS D 129 -6.70 -31.52 20.93
N MET D 130 -6.10 -32.13 19.92
CA MET D 130 -5.95 -31.51 18.62
C MET D 130 -7.28 -30.97 18.10
N ASP D 131 -8.36 -31.65 18.48
CA ASP D 131 -9.70 -31.31 18.02
C ASP D 131 -10.24 -30.04 18.68
N ASP D 132 -9.52 -29.53 19.67
CA ASP D 132 -9.91 -28.28 20.33
C ASP D 132 -9.20 -27.07 19.69
N VAL D 133 -8.45 -27.32 18.62
CA VAL D 133 -7.58 -26.31 18.01
C VAL D 133 -7.80 -26.22 16.50
N ASN D 134 -8.20 -25.04 16.03
CA ASN D 134 -8.32 -24.76 14.61
C ASN D 134 -7.36 -23.63 14.16
N VAL D 135 -6.67 -23.86 13.06
CA VAL D 135 -5.84 -22.82 12.45
C VAL D 135 -6.23 -22.81 11.00
N LYS D 136 -6.53 -21.61 10.48
CA LYS D 136 -6.73 -21.43 9.06
C LYS D 136 -5.86 -20.24 8.60
N ALA D 137 -5.74 -20.09 7.29
CA ALA D 137 -5.07 -18.92 6.73
C ALA D 137 -5.84 -18.40 5.53
N THR D 138 -5.80 -17.09 5.33
CA THR D 138 -6.49 -16.45 4.21
C THR D 138 -5.65 -15.31 3.65
N THR D 139 -5.79 -15.02 2.37
CA THR D 139 -5.19 -13.80 1.77
C THR D 139 -6.24 -12.70 1.82
N THR D 140 -5.82 -11.49 1.49
CA THR D 140 -6.74 -10.37 1.30
C THR D 140 -6.79 -9.98 -0.18
N GLU D 141 -6.59 -10.99 -1.04
CA GLU D 141 -6.71 -10.87 -2.50
C GLU D 141 -5.89 -9.69 -3.05
N LYS D 142 -4.68 -9.52 -2.51
CA LYS D 142 -3.71 -8.50 -2.94
C LYS D 142 -4.07 -7.08 -2.49
N LEU D 143 -4.99 -6.95 -1.54
CA LEU D 143 -5.39 -5.64 -1.07
C LEU D 143 -4.90 -5.31 0.34
N GLY D 144 -4.65 -4.03 0.59
CA GLY D 144 -4.22 -3.58 1.90
C GLY D 144 -2.79 -3.96 2.14
N PHE D 145 -2.28 -3.63 3.32
CA PHE D 145 -0.86 -3.88 3.62
C PHE D 145 -0.47 -5.38 3.60
N THR D 146 -1.35 -6.29 4.07
CA THR D 146 -1.03 -7.69 3.96
C THR D 146 -1.01 -8.09 2.48
N GLY D 147 -1.97 -7.58 1.74
CA GLY D 147 -2.14 -7.94 0.35
C GLY D 147 -0.95 -7.55 -0.53
N ARG D 148 -0.34 -6.43 -0.20
CA ARG D 148 0.84 -5.89 -0.92
C ARG D 148 2.15 -6.55 -0.45
N GLY D 149 2.10 -7.34 0.62
CA GLY D 149 3.30 -7.98 1.14
C GLY D 149 4.08 -7.12 2.12
N GLU D 150 3.41 -6.15 2.73
CA GLU D 150 4.07 -5.29 3.72
C GLU D 150 4.19 -5.95 5.09
N GLY D 151 3.24 -6.84 5.42
CA GLY D 151 3.25 -7.48 6.71
C GLY D 151 2.27 -8.64 6.77
N ILE D 152 2.02 -9.13 7.98
CA ILE D 152 1.13 -10.27 8.20
C ILE D 152 0.31 -9.92 9.42
N ALA D 153 -0.94 -10.36 9.42
CA ALA D 153 -1.82 -10.12 10.55
C ALA D 153 -2.40 -11.44 10.98
N CYS D 154 -3.01 -11.47 12.16
CA CYS D 154 -3.70 -12.66 12.63
C CYS D 154 -4.80 -12.27 13.60
N GLU D 155 -5.95 -12.92 13.46
CA GLU D 155 -7.06 -12.77 14.41
C GLU D 155 -7.35 -14.12 15.03
N ALA D 156 -7.75 -14.12 16.31
CA ALA D 156 -8.01 -15.36 17.02
C ALA D 156 -9.16 -15.19 18.02
N VAL D 157 -9.82 -16.29 18.35
CA VAL D 157 -10.93 -16.30 19.33
C VAL D 157 -10.77 -17.53 20.19
N ALA D 158 -11.29 -17.47 21.42
CA ALA D 158 -11.16 -18.58 22.33
C ALA D 158 -12.36 -18.69 23.25
N LEU D 159 -12.69 -19.92 23.61
CA LEU D 159 -13.64 -20.18 24.68
C LEU D 159 -12.90 -20.90 25.78
N LEU D 160 -13.00 -20.34 26.98
CA LEU D 160 -12.52 -21.00 28.20
C LEU D 160 -13.73 -21.48 28.99
N ILE D 161 -13.52 -22.46 29.87
CA ILE D 161 -14.57 -22.95 30.79
C ILE D 161 -14.23 -22.48 32.23
N LYS D 162 -15.05 -21.59 32.76
CA LYS D 162 -14.79 -20.97 34.06
C LYS D 162 -15.34 -21.83 35.20
N GLU E 6 -28.63 -21.79 26.60
CA GLU E 6 -27.54 -21.30 27.50
C GLU E 6 -26.96 -19.98 27.02
N MET E 7 -25.96 -20.03 26.14
CA MET E 7 -25.20 -18.82 25.82
C MET E 7 -25.30 -18.37 24.37
N ARG E 8 -25.16 -17.07 24.15
CA ARG E 8 -25.25 -16.49 22.82
C ARG E 8 -24.09 -15.52 22.60
N ILE E 9 -23.53 -15.55 21.39
CA ILE E 9 -22.40 -14.69 21.04
C ILE E 9 -22.80 -13.40 20.35
N GLY E 10 -22.02 -12.36 20.60
CA GLY E 10 -22.11 -11.12 19.85
C GLY E 10 -20.74 -10.59 19.45
N HIS E 11 -20.71 -9.83 18.37
CA HIS E 11 -19.48 -9.22 17.84
C HIS E 11 -19.80 -7.74 17.58
N GLY E 12 -18.84 -6.87 17.84
CA GLY E 12 -18.94 -5.47 17.44
C GLY E 12 -17.72 -5.02 16.64
N PHE E 13 -17.92 -4.09 15.72
CA PHE E 13 -16.84 -3.50 14.92
C PHE E 13 -17.15 -2.04 14.68
N ASP E 14 -16.18 -1.17 14.91
CA ASP E 14 -16.36 0.27 14.72
C ASP E 14 -15.06 0.97 14.32
N VAL E 15 -15.16 1.95 13.45
CA VAL E 15 -14.01 2.73 13.00
C VAL E 15 -14.40 4.21 12.90
N HIS E 16 -13.49 5.10 13.30
CA HIS E 16 -13.61 6.52 13.00
C HIS E 16 -12.29 7.12 12.54
N ALA E 17 -12.36 8.12 11.67
CA ALA E 17 -11.17 8.86 11.21
C ALA E 17 -10.81 10.00 12.16
N PHE E 18 -9.51 10.31 12.26
CA PHE E 18 -9.02 11.48 12.96
C PHE E 18 -9.37 12.74 12.20
N GLY E 19 -9.67 13.79 12.95
CA GLY E 19 -9.93 15.12 12.41
C GLY E 19 -10.56 15.97 13.49
N GLY E 20 -10.48 17.29 13.35
CA GLY E 20 -10.98 18.20 14.37
C GLY E 20 -9.99 18.33 15.52
N GLU E 21 -10.46 18.83 16.65
CA GLU E 21 -9.60 19.01 17.82
C GLU E 21 -9.78 17.88 18.83
N GLY E 22 -8.69 17.53 19.53
CA GLY E 22 -8.75 16.58 20.64
C GLY E 22 -9.47 17.19 21.84
N PRO E 23 -9.72 16.40 22.90
CA PRO E 23 -9.31 15.01 23.06
C PRO E 23 -10.23 14.04 22.36
N ILE E 24 -9.78 12.80 22.21
CA ILE E 24 -10.65 11.73 21.76
C ILE E 24 -11.31 11.11 22.99
N ILE E 25 -12.44 10.43 22.79
CA ILE E 25 -13.06 9.71 23.89
C ILE E 25 -13.15 8.20 23.59
N ILE E 26 -12.42 7.40 24.36
CA ILE E 26 -12.37 5.95 24.18
C ILE E 26 -12.73 5.25 25.48
N GLY E 27 -13.67 4.31 25.41
CA GLY E 27 -14.13 3.60 26.59
C GLY E 27 -14.53 4.53 27.72
N GLY E 28 -15.15 5.66 27.37
CA GLY E 28 -15.61 6.64 28.35
C GLY E 28 -14.56 7.60 28.87
N VAL E 29 -13.31 7.37 28.51
CA VAL E 29 -12.18 8.17 28.99
C VAL E 29 -11.78 9.23 27.96
N ARG E 30 -11.57 10.46 28.42
CA ARG E 30 -11.04 11.53 27.57
C ARG E 30 -9.53 11.44 27.46
N ILE E 31 -9.04 11.22 26.25
CA ILE E 31 -7.61 11.05 26.03
C ILE E 31 -7.06 12.20 25.18
N PRO E 32 -6.28 13.08 25.81
CA PRO E 32 -5.61 14.19 25.12
C PRO E 32 -4.90 13.74 23.84
N TYR E 33 -5.18 14.42 22.74
CA TYR E 33 -4.54 14.11 21.45
C TYR E 33 -4.56 15.31 20.50
N GLU E 34 -3.62 15.32 19.57
CA GLU E 34 -3.52 16.35 18.54
C GLU E 34 -4.84 16.55 17.79
N LYS E 35 -5.50 15.43 17.44
CA LYS E 35 -6.78 15.47 16.73
C LYS E 35 -7.90 14.83 17.54
N GLY E 36 -9.14 15.10 17.14
CA GLY E 36 -10.31 14.39 17.67
C GLY E 36 -10.75 13.30 16.70
N LEU E 37 -11.92 12.71 16.98
CA LEU E 37 -12.49 11.71 16.09
C LEU E 37 -13.75 12.23 15.41
N LEU E 38 -13.77 12.16 14.08
CA LEU E 38 -14.97 12.50 13.32
C LEU E 38 -16.08 11.50 13.56
N ALA E 39 -17.23 11.99 14.04
CA ALA E 39 -18.37 11.14 14.31
C ALA E 39 -19.63 11.97 14.57
N HIS E 40 -20.78 11.43 14.18
CA HIS E 40 -22.07 12.01 14.56
C HIS E 40 -22.27 11.94 16.07
N SER E 41 -21.91 10.81 16.67
CA SER E 41 -21.98 10.65 18.12
C SER E 41 -20.70 11.19 18.77
N ASP E 42 -20.47 10.87 20.04
CA ASP E 42 -19.22 11.27 20.70
C ASP E 42 -17.98 10.55 20.15
N GLY E 43 -18.20 9.52 19.33
CA GLY E 43 -17.10 8.85 18.62
C GLY E 43 -16.30 7.85 19.41
N ASP E 44 -16.91 7.32 20.47
CA ASP E 44 -16.31 6.28 21.30
C ASP E 44 -16.39 4.92 20.59
N VAL E 45 -15.35 4.60 19.81
CA VAL E 45 -15.29 3.34 19.05
C VAL E 45 -15.42 2.10 19.93
N ALA E 46 -14.77 2.13 21.09
CA ALA E 46 -14.76 0.98 21.98
C ALA E 46 -16.15 0.68 22.54
N LEU E 47 -16.82 1.71 23.05
CA LEU E 47 -18.17 1.53 23.62
C LEU E 47 -19.22 1.28 22.56
N HIS E 48 -18.99 1.83 21.37
CA HIS E 48 -19.86 1.58 20.22
C HIS E 48 -19.74 0.10 19.83
N ALA E 49 -18.51 -0.40 19.77
CA ALA E 49 -18.26 -1.82 19.46
C ALA E 49 -18.81 -2.73 20.57
N LEU E 50 -18.51 -2.42 21.82
CA LEU E 50 -19.05 -3.17 22.95
C LEU E 50 -20.57 -3.29 22.92
N THR E 51 -21.24 -2.15 22.75
CA THR E 51 -22.71 -2.06 22.69
C THR E 51 -23.29 -2.95 21.58
N ASP E 52 -22.74 -2.82 20.37
CA ASP E 52 -23.10 -3.72 19.26
C ASP E 52 -23.00 -5.20 19.64
N ALA E 53 -21.85 -5.60 20.17
CA ALA E 53 -21.63 -6.98 20.56
C ALA E 53 -22.70 -7.45 21.56
N LEU E 54 -23.05 -6.59 22.52
CA LEU E 54 -24.04 -6.99 23.53
C LEU E 54 -25.41 -7.13 22.92
N LEU E 55 -25.79 -6.15 22.09
CA LEU E 55 -27.10 -6.14 21.44
C LEU E 55 -27.28 -7.37 20.56
N GLY E 56 -26.30 -7.64 19.70
CA GLY E 56 -26.24 -8.88 18.93
C GLY E 56 -26.47 -10.13 19.77
N ALA E 57 -25.67 -10.30 20.81
CA ALA E 57 -25.83 -11.45 21.70
C ALA E 57 -27.26 -11.56 22.30
N ALA E 58 -27.91 -10.42 22.55
CA ALA E 58 -29.29 -10.39 23.08
C ALA E 58 -30.38 -10.46 22.02
N ALA E 59 -30.00 -10.71 20.77
CA ALA E 59 -30.94 -10.78 19.64
C ALA E 59 -31.72 -9.47 19.41
N LEU E 60 -31.02 -8.34 19.51
CA LEU E 60 -31.62 -7.02 19.33
C LEU E 60 -31.03 -6.23 18.16
N GLY E 61 -30.49 -6.93 17.17
CA GLY E 61 -30.01 -6.29 15.96
C GLY E 61 -28.68 -5.60 16.20
N ASP E 62 -28.72 -4.26 16.31
CA ASP E 62 -27.51 -3.47 16.53
C ASP E 62 -27.77 -1.98 16.85
N ILE E 63 -26.70 -1.24 17.11
CA ILE E 63 -26.82 0.15 17.54
C ILE E 63 -27.58 0.98 16.50
N GLY E 64 -27.08 0.97 15.28
CA GLY E 64 -27.63 1.79 14.22
C GLY E 64 -29.12 1.55 14.01
N LYS E 65 -29.63 0.49 14.60
CA LYS E 65 -31.06 0.21 14.59
C LYS E 65 -31.77 0.93 15.74
N LEU E 66 -31.11 1.01 16.88
CA LEU E 66 -31.71 1.55 18.09
C LEU E 66 -31.48 3.06 18.20
N PHE E 67 -30.29 3.48 17.79
CA PHE E 67 -29.93 4.90 17.87
C PHE E 67 -29.27 5.36 16.56
N PRO E 68 -30.09 5.60 15.54
CA PRO E 68 -29.59 5.85 14.19
C PRO E 68 -28.71 7.10 14.15
N ASP E 69 -27.59 7.02 13.42
CA ASP E 69 -26.59 8.08 13.44
C ASP E 69 -26.99 9.22 12.50
N THR E 70 -28.25 9.23 12.09
CA THR E 70 -28.74 10.24 11.16
C THR E 70 -29.76 11.15 11.83
N ASP E 71 -30.32 10.69 12.95
CA ASP E 71 -31.20 11.51 13.77
C ASP E 71 -30.41 12.58 14.52
N PRO E 72 -30.88 13.82 14.44
CA PRO E 72 -30.39 14.90 15.32
C PRO E 72 -30.41 14.49 16.80
N ALA E 73 -31.42 13.71 17.20
CA ALA E 73 -31.55 13.14 18.55
C ALA E 73 -30.25 12.60 19.15
N PHE E 74 -29.40 11.99 18.33
CA PHE E 74 -28.17 11.39 18.84
C PHE E 74 -26.88 12.12 18.46
N LYS E 75 -27.02 13.37 18.00
CA LYS E 75 -25.85 14.20 17.69
C LYS E 75 -25.04 14.46 18.96
N GLY E 76 -23.80 13.97 18.96
CA GLY E 76 -22.90 14.10 20.11
C GLY E 76 -23.20 13.17 21.28
N ALA E 77 -24.09 12.21 21.07
CA ALA E 77 -24.58 11.35 22.16
C ALA E 77 -23.45 10.76 23.01
N ASP E 78 -23.66 10.74 24.32
CA ASP E 78 -22.75 10.09 25.26
C ASP E 78 -22.89 8.59 25.13
N SER E 79 -21.81 7.93 24.73
CA SER E 79 -21.83 6.50 24.46
C SER E 79 -22.07 5.64 25.70
N ARG E 80 -21.75 6.17 26.87
CA ARG E 80 -22.00 5.45 28.13
C ARG E 80 -23.49 5.37 28.41
N GLU E 81 -24.21 6.44 28.09
CA GLU E 81 -25.67 6.48 28.18
C GLU E 81 -26.29 5.49 27.21
N LEU E 82 -25.81 5.50 25.96
CA LEU E 82 -26.19 4.51 24.94
C LEU E 82 -26.02 3.08 25.46
N LEU E 83 -24.81 2.76 25.88
CA LEU E 83 -24.51 1.45 26.48
C LEU E 83 -25.45 1.12 27.64
N ARG E 84 -25.66 2.08 28.55
CA ARG E 84 -26.49 1.86 29.75
C ARG E 84 -27.93 1.59 29.37
N GLU E 85 -28.41 2.25 28.31
CA GLU E 85 -29.79 2.04 27.85
C GLU E 85 -29.90 0.66 27.21
N ALA E 86 -28.95 0.35 26.33
CA ALA E 86 -28.90 -0.95 25.67
C ALA E 86 -28.89 -2.07 26.69
N TRP E 87 -28.04 -1.94 27.69
CA TRP E 87 -27.91 -2.95 28.73
C TRP E 87 -29.20 -3.13 29.56
N ARG E 88 -29.84 -2.01 29.94
CA ARG E 88 -31.15 -2.06 30.60
C ARG E 88 -32.22 -2.79 29.77
N ARG E 89 -32.27 -2.49 28.48
CA ARG E 89 -33.17 -3.18 27.55
C ARG E 89 -32.87 -4.67 27.46
N ILE E 90 -31.59 -5.01 27.45
CA ILE E 90 -31.13 -6.40 27.38
C ILE E 90 -31.47 -7.15 28.68
N GLN E 91 -31.24 -6.52 29.82
CA GLN E 91 -31.59 -7.17 31.10
C GLN E 91 -33.10 -7.39 31.15
N ALA E 92 -33.88 -6.39 30.75
CA ALA E 92 -35.34 -6.50 30.65
C ALA E 92 -35.79 -7.69 29.80
N LYS E 93 -34.96 -8.06 28.83
CA LYS E 93 -35.20 -9.23 27.97
C LYS E 93 -34.87 -10.56 28.64
N GLY E 94 -34.31 -10.51 29.84
CA GLY E 94 -33.99 -11.73 30.59
C GLY E 94 -32.56 -12.21 30.45
N TYR E 95 -31.73 -11.46 29.72
CA TYR E 95 -30.32 -11.81 29.54
C TYR E 95 -29.47 -11.35 30.71
N THR E 96 -28.44 -12.13 31.04
CA THR E 96 -27.47 -11.73 32.05
C THR E 96 -26.08 -11.85 31.44
N LEU E 97 -25.13 -11.12 32.00
CA LEU E 97 -23.80 -11.05 31.43
C LEU E 97 -23.03 -12.32 31.70
N GLY E 98 -22.45 -12.86 30.65
CA GLY E 98 -21.35 -13.80 30.80
C GLY E 98 -20.10 -12.96 30.93
N ASN E 99 -19.61 -12.43 29.82
CA ASN E 99 -18.38 -11.66 29.83
C ASN E 99 -18.19 -10.94 28.50
N VAL E 100 -17.33 -9.92 28.48
CA VAL E 100 -17.04 -9.14 27.26
C VAL E 100 -15.54 -8.93 27.11
N ASP E 101 -15.07 -8.70 25.88
CA ASP E 101 -13.64 -8.45 25.63
C ASP E 101 -13.56 -7.47 24.47
N VAL E 102 -12.76 -6.41 24.65
CA VAL E 102 -12.69 -5.29 23.71
C VAL E 102 -11.25 -5.15 23.24
N THR E 103 -11.05 -4.90 21.94
CA THR E 103 -9.71 -4.78 21.36
C THR E 103 -9.68 -3.48 20.56
N ILE E 104 -8.93 -2.51 21.08
CA ILE E 104 -8.75 -1.21 20.47
C ILE E 104 -7.56 -1.25 19.51
N ILE E 105 -7.75 -0.83 18.28
CA ILE E 105 -6.66 -0.88 17.28
C ILE E 105 -6.24 0.54 16.95
N ALA E 106 -5.07 0.93 17.43
CA ALA E 106 -4.58 2.31 17.26
C ALA E 106 -3.07 2.42 17.37
N GLN E 107 -2.47 3.24 16.49
CA GLN E 107 -1.05 3.52 16.58
C GLN E 107 -0.76 4.47 17.73
N ALA E 108 -1.65 5.43 17.93
CA ALA E 108 -1.52 6.44 18.98
C ALA E 108 -2.90 7.04 19.09
N PRO E 109 -3.24 7.64 20.25
CA PRO E 109 -2.38 7.83 21.41
C PRO E 109 -2.28 6.57 22.28
N LYS E 110 -1.43 6.63 23.31
CA LYS E 110 -1.24 5.52 24.21
C LYS E 110 -2.51 5.30 25.05
N MET E 111 -3.00 4.07 25.05
CA MET E 111 -4.26 3.72 25.70
C MET E 111 -4.01 3.12 27.07
N LEU E 112 -2.82 2.57 27.26
CA LEU E 112 -2.50 1.80 28.46
C LEU E 112 -2.81 2.54 29.77
N PRO E 113 -2.32 3.79 29.92
CA PRO E 113 -2.64 4.54 31.16
C PRO E 113 -4.13 4.64 31.44
N HIS E 114 -4.97 4.52 30.40
CA HIS E 114 -6.40 4.78 30.50
C HIS E 114 -7.29 3.53 30.60
N ILE E 115 -6.74 2.37 30.25
CA ILE E 115 -7.50 1.12 30.18
C ILE E 115 -8.16 0.70 31.52
N PRO E 116 -7.43 0.79 32.65
CA PRO E 116 -8.09 0.39 33.90
C PRO E 116 -9.33 1.23 34.20
N GLN E 117 -9.28 2.52 33.85
CA GLN E 117 -10.43 3.42 34.00
C GLN E 117 -11.58 3.05 33.05
N MET E 118 -11.24 2.68 31.81
CA MET E 118 -12.26 2.16 30.88
C MET E 118 -12.97 0.92 31.47
N ARG E 119 -12.20 0.00 32.05
CA ARG E 119 -12.77 -1.19 32.67
C ARG E 119 -13.69 -0.85 33.84
N VAL E 120 -13.26 0.08 34.70
CA VAL E 120 -14.09 0.57 35.79
C VAL E 120 -15.42 1.06 35.24
N PHE E 121 -15.36 1.99 34.29
CA PHE E 121 -16.57 2.60 33.71
C PHE E 121 -17.53 1.55 33.15
N ILE E 122 -17.02 0.61 32.35
CA ILE E 122 -17.84 -0.43 31.74
C ILE E 122 -18.44 -1.36 32.79
N ALA E 123 -17.62 -1.79 33.75
CA ALA E 123 -18.08 -2.65 34.87
C ALA E 123 -19.23 -2.01 35.67
N GLU E 124 -19.10 -0.71 35.93
CA GLU E 124 -20.14 0.04 36.63
C GLU E 124 -21.38 0.23 35.76
N ASP E 125 -21.17 0.45 34.46
CA ASP E 125 -22.29 0.61 33.53
C ASP E 125 -23.08 -0.68 33.34
N LEU E 126 -22.40 -1.82 33.39
CA LEU E 126 -23.04 -3.12 33.19
C LEU E 126 -23.40 -3.78 34.52
N GLY E 127 -22.91 -3.23 35.61
CA GLY E 127 -23.21 -3.77 36.95
C GLY E 127 -22.67 -5.17 37.17
N CYS E 128 -21.48 -5.45 36.67
CA CYS E 128 -20.86 -6.75 36.81
C CYS E 128 -19.58 -6.66 37.63
N HIS E 129 -19.01 -7.80 37.98
CA HIS E 129 -17.66 -7.82 38.55
C HIS E 129 -16.65 -7.38 37.47
N MET E 130 -15.53 -6.81 37.90
CA MET E 130 -14.47 -6.37 36.97
C MET E 130 -13.96 -7.55 36.14
N ASP E 131 -13.97 -8.71 36.78
CA ASP E 131 -13.63 -10.03 36.23
C ASP E 131 -14.40 -10.44 34.97
N ASP E 132 -15.50 -9.76 34.68
CA ASP E 132 -16.33 -10.04 33.51
C ASP E 132 -15.99 -9.09 32.36
N VAL E 133 -15.01 -8.21 32.55
CA VAL E 133 -14.73 -7.16 31.58
C VAL E 133 -13.25 -7.11 31.25
N ASN E 134 -12.93 -7.25 29.96
CA ASN E 134 -11.56 -7.14 29.51
C ASN E 134 -11.42 -6.10 28.39
N VAL E 135 -10.34 -5.32 28.45
CA VAL E 135 -10.07 -4.29 27.45
C VAL E 135 -8.57 -4.31 27.18
N LYS E 136 -8.20 -4.31 25.90
CA LYS E 136 -6.81 -4.33 25.49
C LYS E 136 -6.64 -3.39 24.29
N ALA E 137 -5.41 -3.03 23.99
CA ALA E 137 -5.13 -2.17 22.85
C ALA E 137 -3.88 -2.67 22.16
N THR E 138 -3.87 -2.56 20.83
CA THR E 138 -2.76 -3.02 20.01
C THR E 138 -2.50 -1.98 18.91
N THR E 139 -1.26 -1.91 18.45
CA THR E 139 -0.94 -1.10 17.28
C THR E 139 -0.89 -2.07 16.12
N THR E 140 -0.78 -1.53 14.90
CA THR E 140 -0.54 -2.35 13.73
C THR E 140 0.83 -2.01 13.17
N GLU E 141 1.77 -1.71 14.07
CA GLU E 141 3.18 -1.45 13.73
C GLU E 141 3.39 -0.56 12.51
N LYS E 142 2.70 0.58 12.48
CA LYS E 142 2.83 1.59 11.40
C LYS E 142 2.20 1.18 10.07
N LEU E 143 1.53 0.03 10.03
CA LEU E 143 0.91 -0.44 8.81
C LEU E 143 -0.58 -0.11 8.72
N GLY E 144 -1.06 0.11 7.51
CA GLY E 144 -2.47 0.39 7.25
C GLY E 144 -2.95 1.73 7.78
N PHE E 145 -4.25 1.97 7.70
CA PHE E 145 -4.78 3.28 8.08
C PHE E 145 -4.65 3.59 9.57
N THR E 146 -4.67 2.58 10.42
CA THR E 146 -4.49 2.80 11.86
C THR E 146 -3.01 3.07 12.12
N GLY E 147 -2.16 2.36 11.40
CA GLY E 147 -0.71 2.51 11.55
C GLY E 147 -0.18 3.82 11.01
N ARG E 148 -0.87 4.39 10.03
CA ARG E 148 -0.48 5.67 9.44
C ARG E 148 -1.07 6.84 10.20
N GLY E 149 -1.77 6.55 11.30
CA GLY E 149 -2.35 7.59 12.16
C GLY E 149 -3.56 8.28 11.57
N GLU E 150 -4.26 7.59 10.68
CA GLU E 150 -5.42 8.17 10.00
C GLU E 150 -6.75 7.90 10.72
N GLY E 151 -6.79 6.86 11.54
CA GLY E 151 -8.00 6.55 12.28
C GLY E 151 -7.79 5.50 13.35
N ILE E 152 -8.87 5.12 14.01
CA ILE E 152 -8.82 4.14 15.09
C ILE E 152 -9.94 3.12 14.87
N ALA E 153 -9.61 1.84 15.01
CA ALA E 153 -10.58 0.77 14.89
C ALA E 153 -10.78 0.08 16.25
N CYS E 154 -11.88 -0.63 16.41
CA CYS E 154 -12.07 -1.39 17.64
C CYS E 154 -12.93 -2.61 17.38
N GLU E 155 -12.47 -3.75 17.85
CA GLU E 155 -13.34 -4.91 17.75
C GLU E 155 -13.77 -5.33 19.14
N ALA E 156 -14.96 -5.88 19.26
CA ALA E 156 -15.43 -6.37 20.56
C ALA E 156 -16.21 -7.66 20.42
N VAL E 157 -16.21 -8.48 21.48
CA VAL E 157 -16.98 -9.72 21.52
C VAL E 157 -17.69 -9.83 22.89
N ALA E 158 -18.82 -10.53 22.92
CA ALA E 158 -19.57 -10.71 24.18
C ALA E 158 -20.29 -12.04 24.20
N LEU E 159 -20.51 -12.57 25.41
CA LEU E 159 -21.29 -13.78 25.62
C LEU E 159 -22.34 -13.45 26.66
N LEU E 160 -23.61 -13.71 26.32
CA LEU E 160 -24.73 -13.48 27.21
C LEU E 160 -25.43 -14.77 27.55
N ILE E 161 -25.88 -14.88 28.79
CA ILE E 161 -26.68 -16.00 29.24
C ILE E 161 -28.15 -15.68 29.03
N LYS E 162 -28.84 -16.56 28.31
CA LYS E 162 -30.27 -16.39 28.01
C LYS E 162 -31.15 -17.09 29.05
N GLU F 6 -19.10 -27.54 25.94
CA GLU F 6 -20.21 -28.04 25.08
C GLU F 6 -20.72 -26.95 24.13
N MET F 7 -20.15 -25.76 24.26
CA MET F 7 -20.28 -24.75 23.19
C MET F 7 -18.93 -24.47 22.56
N ARG F 8 -18.93 -24.15 21.27
CA ARG F 8 -17.70 -23.99 20.50
C ARG F 8 -17.69 -22.69 19.69
N ILE F 9 -16.57 -21.97 19.75
CA ILE F 9 -16.39 -20.67 19.07
C ILE F 9 -15.63 -20.82 17.75
N GLY F 10 -16.00 -20.01 16.76
CA GLY F 10 -15.30 -19.96 15.49
C GLY F 10 -15.29 -18.57 14.90
N HIS F 11 -14.35 -18.34 13.98
CA HIS F 11 -14.11 -17.02 13.39
C HIS F 11 -13.73 -17.18 11.91
N GLY F 12 -14.27 -16.33 11.05
CA GLY F 12 -13.76 -16.23 9.68
C GLY F 12 -13.59 -14.79 9.27
N PHE F 13 -12.68 -14.54 8.31
CA PHE F 13 -12.45 -13.22 7.74
C PHE F 13 -12.17 -13.36 6.24
N ASP F 14 -12.93 -12.68 5.39
CA ASP F 14 -12.73 -12.81 3.96
C ASP F 14 -12.65 -11.44 3.29
N VAL F 15 -11.99 -11.40 2.14
CA VAL F 15 -11.91 -10.19 1.32
C VAL F 15 -12.19 -10.54 -0.14
N HIS F 16 -13.06 -9.77 -0.79
CA HIS F 16 -13.25 -9.83 -2.24
C HIS F 16 -12.72 -8.53 -2.86
N ALA F 17 -11.82 -8.66 -3.83
CA ALA F 17 -11.34 -7.51 -4.58
C ALA F 17 -12.21 -7.29 -5.80
N PHE F 18 -12.58 -6.04 -6.07
CA PHE F 18 -13.29 -5.71 -7.30
C PHE F 18 -12.37 -5.91 -8.50
N GLY F 19 -12.97 -6.34 -9.61
CA GLY F 19 -12.26 -6.51 -10.86
C GLY F 19 -13.12 -6.01 -12.01
N PRO F 23 -21.82 -6.16 -11.03
CA PRO F 23 -22.60 -6.72 -9.93
C PRO F 23 -21.81 -7.66 -9.01
N ILE F 24 -22.20 -7.67 -7.75
CA ILE F 24 -21.56 -8.50 -6.73
C ILE F 24 -22.63 -9.34 -6.02
N ILE F 25 -22.24 -10.43 -5.36
CA ILE F 25 -23.16 -11.23 -4.55
C ILE F 25 -22.71 -11.25 -3.11
N ILE F 26 -23.57 -10.77 -2.19
CA ILE F 26 -23.25 -10.77 -0.77
C ILE F 26 -24.34 -11.49 0.01
N GLY F 27 -23.96 -12.50 0.79
CA GLY F 27 -24.93 -13.29 1.55
C GLY F 27 -26.00 -13.89 0.65
N GLY F 28 -25.62 -14.26 -0.57
CA GLY F 28 -26.53 -14.83 -1.54
C GLY F 28 -27.37 -13.84 -2.34
N VAL F 29 -27.20 -12.54 -2.08
CA VAL F 29 -27.97 -11.50 -2.76
C VAL F 29 -27.15 -10.76 -3.82
N ARG F 30 -27.64 -10.75 -5.06
CA ARG F 30 -27.03 -9.98 -6.13
C ARG F 30 -27.28 -8.48 -5.94
N ILE F 31 -26.21 -7.71 -5.89
CA ILE F 31 -26.27 -6.27 -5.73
C ILE F 31 -25.51 -5.64 -6.88
N PRO F 32 -26.14 -4.70 -7.60
CA PRO F 32 -25.42 -3.98 -8.65
C PRO F 32 -24.51 -2.88 -8.10
N TYR F 33 -23.34 -2.71 -8.71
CA TYR F 33 -22.41 -1.65 -8.30
C TYR F 33 -21.88 -0.88 -9.49
N HIS F 40 -12.46 -17.88 -9.64
CA HIS F 40 -12.14 -18.88 -8.62
C HIS F 40 -13.37 -19.21 -7.76
N SER F 41 -14.07 -18.18 -7.31
CA SER F 41 -15.37 -18.37 -6.67
C SER F 41 -16.32 -17.24 -7.08
N ASP F 42 -17.49 -17.17 -6.46
CA ASP F 42 -18.44 -16.11 -6.77
C ASP F 42 -18.20 -14.82 -5.98
N GLY F 43 -17.23 -14.82 -5.07
CA GLY F 43 -16.87 -13.59 -4.35
C GLY F 43 -17.78 -13.17 -3.20
N ASP F 44 -18.63 -14.08 -2.76
CA ASP F 44 -19.49 -13.80 -1.62
C ASP F 44 -18.65 -13.79 -0.34
N VAL F 45 -18.22 -12.61 0.10
CA VAL F 45 -17.40 -12.53 1.32
C VAL F 45 -18.21 -12.89 2.60
N ALA F 46 -19.49 -12.57 2.61
CA ALA F 46 -20.31 -12.83 3.79
C ALA F 46 -20.45 -14.32 4.01
N LEU F 47 -20.86 -15.06 2.98
CA LEU F 47 -20.96 -16.52 3.09
C LEU F 47 -19.62 -17.23 3.20
N HIS F 48 -18.57 -16.68 2.59
CA HIS F 48 -17.23 -17.24 2.74
C HIS F 48 -16.78 -17.14 4.22
N ALA F 49 -16.91 -15.96 4.79
CA ALA F 49 -16.46 -15.75 6.17
C ALA F 49 -17.31 -16.57 7.12
N LEU F 50 -18.62 -16.61 6.87
CA LEU F 50 -19.54 -17.39 7.72
C LEU F 50 -19.17 -18.86 7.69
N THR F 51 -18.86 -19.35 6.50
CA THR F 51 -18.51 -20.75 6.31
C THR F 51 -17.25 -21.11 7.08
N ASP F 52 -16.22 -20.25 7.00
CA ASP F 52 -14.95 -20.49 7.70
C ASP F 52 -15.11 -20.45 9.22
N ALA F 53 -16.06 -19.64 9.69
CA ALA F 53 -16.34 -19.47 11.10
C ALA F 53 -17.02 -20.70 11.67
N LEU F 54 -18.00 -21.24 10.95
CA LEU F 54 -18.65 -22.50 11.32
C LEU F 54 -17.69 -23.68 11.26
N LEU F 55 -16.86 -23.74 10.21
CA LEU F 55 -15.85 -24.80 10.09
C LEU F 55 -14.79 -24.67 11.19
N GLY F 56 -14.42 -23.43 11.49
CA GLY F 56 -13.47 -23.15 12.56
C GLY F 56 -13.91 -23.68 13.91
N ALA F 57 -15.18 -23.44 14.24
CA ALA F 57 -15.75 -23.87 15.51
C ALA F 57 -15.77 -25.38 15.67
N ALA F 58 -15.85 -26.08 14.54
CA ALA F 58 -15.90 -27.55 14.49
C ALA F 58 -14.52 -28.16 14.24
N ALA F 59 -13.49 -27.33 14.24
CA ALA F 59 -12.12 -27.75 13.95
C ALA F 59 -12.01 -28.53 12.64
N LEU F 60 -12.74 -28.08 11.62
CA LEU F 60 -12.65 -28.64 10.27
C LEU F 60 -11.82 -27.78 9.30
N GLY F 61 -11.05 -26.85 9.83
CA GLY F 61 -10.14 -26.05 8.98
C GLY F 61 -10.81 -24.85 8.36
N ASP F 62 -10.98 -24.89 7.05
CA ASP F 62 -11.64 -23.82 6.32
C ASP F 62 -12.19 -24.33 4.99
N ILE F 63 -12.80 -23.44 4.21
CA ILE F 63 -13.36 -23.79 2.91
C ILE F 63 -12.34 -24.53 2.03
N GLY F 64 -11.15 -23.97 1.90
CA GLY F 64 -10.05 -24.61 1.17
C GLY F 64 -9.75 -26.05 1.57
N LYS F 65 -9.85 -26.37 2.86
CA LYS F 65 -9.63 -27.75 3.30
C LYS F 65 -10.76 -28.66 2.88
N LEU F 66 -11.98 -28.15 2.90
CA LEU F 66 -13.15 -28.92 2.48
C LEU F 66 -13.29 -29.05 0.98
N PHE F 67 -12.94 -27.99 0.27
CA PHE F 67 -13.14 -27.94 -1.16
C PHE F 67 -11.85 -27.55 -1.89
N PRO F 68 -10.84 -28.45 -1.89
CA PRO F 68 -9.61 -28.14 -2.61
C PRO F 68 -9.77 -28.27 -4.12
N ASP F 69 -8.80 -27.73 -4.87
CA ASP F 69 -8.82 -27.77 -6.33
C ASP F 69 -8.83 -29.20 -6.91
N THR F 70 -8.19 -30.13 -6.21
CA THR F 70 -8.21 -31.53 -6.63
C THR F 70 -9.64 -32.08 -6.79
N ASP F 71 -10.57 -31.57 -5.99
CA ASP F 71 -11.94 -32.08 -5.98
C ASP F 71 -12.82 -31.39 -7.04
N PRO F 72 -13.30 -32.15 -8.04
CA PRO F 72 -14.14 -31.60 -9.09
C PRO F 72 -15.55 -31.28 -8.62
N ALA F 73 -16.05 -32.02 -7.64
CA ALA F 73 -17.45 -31.93 -7.21
C ALA F 73 -17.94 -30.49 -7.01
N PHE F 74 -17.15 -29.69 -6.30
CA PHE F 74 -17.55 -28.32 -5.99
C PHE F 74 -16.84 -27.22 -6.77
N LYS F 75 -15.92 -27.63 -7.65
CA LYS F 75 -15.29 -26.69 -8.59
C LYS F 75 -16.38 -25.85 -9.21
N GLY F 76 -16.32 -24.55 -8.96
CA GLY F 76 -17.27 -23.59 -9.52
C GLY F 76 -18.64 -23.49 -8.85
N ALA F 77 -18.83 -24.21 -7.75
CA ALA F 77 -20.08 -24.13 -6.99
C ALA F 77 -20.25 -22.74 -6.40
N ASP F 78 -21.50 -22.25 -6.35
CA ASP F 78 -21.78 -20.97 -5.69
C ASP F 78 -21.64 -21.11 -4.17
N SER F 79 -21.60 -19.98 -3.48
CA SER F 79 -21.31 -19.98 -2.05
C SER F 79 -22.38 -20.62 -1.16
N ARG F 80 -23.62 -20.66 -1.62
CA ARG F 80 -24.69 -21.25 -0.81
C ARG F 80 -24.58 -22.76 -0.82
N GLU F 81 -24.18 -23.31 -1.96
CA GLU F 81 -23.92 -24.74 -2.09
C GLU F 81 -22.75 -25.17 -1.21
N LEU F 82 -21.70 -24.34 -1.16
CA LEU F 82 -20.57 -24.60 -0.27
C LEU F 82 -20.99 -24.50 1.20
N LEU F 83 -21.84 -23.53 1.52
CA LEU F 83 -22.31 -23.37 2.89
C LEU F 83 -23.11 -24.58 3.39
N ARG F 84 -24.03 -25.07 2.55
CA ARG F 84 -24.88 -26.22 2.92
C ARG F 84 -24.06 -27.49 3.10
N GLU F 85 -23.11 -27.74 2.20
CA GLU F 85 -22.25 -28.90 2.31
C GLU F 85 -21.32 -28.81 3.52
N ALA F 86 -20.82 -27.60 3.81
CA ALA F 86 -20.01 -27.43 5.01
C ALA F 86 -20.90 -27.69 6.23
N TRP F 87 -22.14 -27.22 6.18
CA TRP F 87 -23.06 -27.41 7.31
C TRP F 87 -23.37 -28.90 7.54
N ARG F 88 -23.57 -29.63 6.44
CA ARG F 88 -23.80 -31.07 6.48
C ARG F 88 -22.63 -31.81 7.12
N ARG F 89 -21.42 -31.43 6.76
CA ARG F 89 -20.23 -32.03 7.38
C ARG F 89 -20.08 -31.70 8.87
N ILE F 90 -20.54 -30.51 9.26
CA ILE F 90 -20.45 -30.09 10.66
C ILE F 90 -21.49 -30.85 11.50
N GLN F 91 -22.71 -30.90 11.00
CA GLN F 91 -23.78 -31.61 11.70
C GLN F 91 -23.44 -33.08 11.92
N ALA F 92 -22.77 -33.70 10.96
CA ALA F 92 -22.34 -35.10 11.05
C ALA F 92 -21.29 -35.33 12.14
N LYS F 93 -20.69 -34.25 12.62
CA LYS F 93 -19.73 -34.33 13.71
C LYS F 93 -20.41 -34.18 15.07
N GLY F 94 -21.73 -33.97 15.02
CA GLY F 94 -22.53 -33.87 16.22
C GLY F 94 -22.85 -32.45 16.67
N TYR F 95 -22.61 -31.47 15.82
CA TYR F 95 -22.89 -30.07 16.14
C TYR F 95 -24.25 -29.59 15.67
N THR F 96 -24.87 -28.74 16.46
CA THR F 96 -26.04 -27.99 16.05
C THR F 96 -25.68 -26.50 16.17
N LEU F 97 -26.54 -25.61 15.71
CA LEU F 97 -26.23 -24.19 15.74
C LEU F 97 -26.60 -23.54 17.06
N GLY F 98 -25.64 -22.83 17.65
CA GLY F 98 -25.91 -21.86 18.69
C GLY F 98 -26.46 -20.62 18.01
N ASN F 99 -25.56 -19.71 17.62
CA ASN F 99 -25.96 -18.53 16.86
C ASN F 99 -24.77 -17.97 16.04
N VAL F 100 -25.06 -17.19 14.99
CA VAL F 100 -24.00 -16.58 14.14
C VAL F 100 -24.10 -15.06 14.03
N ASP F 101 -22.96 -14.40 13.75
CA ASP F 101 -22.86 -12.94 13.70
C ASP F 101 -21.90 -12.57 12.54
N VAL F 102 -22.40 -11.87 11.53
CA VAL F 102 -21.64 -11.57 10.32
C VAL F 102 -21.62 -10.07 10.12
N THR F 103 -20.43 -9.50 9.93
CA THR F 103 -20.28 -8.06 9.73
C THR F 103 -19.56 -7.79 8.41
N ILE F 104 -20.28 -7.15 7.50
CA ILE F 104 -19.79 -6.81 6.17
C ILE F 104 -19.19 -5.43 6.26
N ILE F 105 -18.02 -5.25 5.65
CA ILE F 105 -17.29 -4.00 5.72
C ILE F 105 -17.05 -3.55 4.28
N ALA F 106 -17.76 -2.52 3.84
CA ALA F 106 -17.68 -2.02 2.46
C ALA F 106 -18.02 -0.53 2.42
N GLN F 107 -17.31 0.24 1.59
CA GLN F 107 -17.66 1.65 1.41
C GLN F 107 -18.83 1.80 0.45
N ALA F 108 -18.94 0.85 -0.46
CA ALA F 108 -19.90 0.88 -1.54
C ALA F 108 -19.87 -0.53 -2.13
N PRO F 109 -21.00 -1.01 -2.67
CA PRO F 109 -22.32 -0.35 -2.67
C PRO F 109 -22.98 -0.40 -1.28
N LYS F 110 -24.15 0.21 -1.17
CA LYS F 110 -24.95 0.16 0.06
C LYS F 110 -25.42 -1.27 0.31
N MET F 111 -25.57 -1.63 1.58
CA MET F 111 -25.83 -3.02 1.96
C MET F 111 -27.10 -3.20 2.77
N LEU F 112 -27.46 -2.18 3.55
CA LEU F 112 -28.56 -2.32 4.52
C LEU F 112 -29.86 -2.91 3.96
N PRO F 113 -30.34 -2.38 2.81
CA PRO F 113 -31.60 -2.90 2.24
C PRO F 113 -31.55 -4.38 1.89
N HIS F 114 -30.36 -4.91 1.65
CA HIS F 114 -30.21 -6.27 1.16
C HIS F 114 -30.04 -7.31 2.24
N ILE F 115 -29.86 -6.84 3.47
CA ILE F 115 -29.57 -7.73 4.60
C ILE F 115 -30.73 -8.67 4.96
N PRO F 116 -31.97 -8.16 5.04
CA PRO F 116 -33.05 -9.09 5.41
C PRO F 116 -33.10 -10.36 4.54
N GLN F 117 -32.85 -10.21 3.24
CA GLN F 117 -32.78 -11.36 2.31
C GLN F 117 -31.66 -12.33 2.66
N MET F 118 -30.48 -11.80 2.95
CA MET F 118 -29.32 -12.60 3.38
C MET F 118 -29.67 -13.40 4.63
N ARG F 119 -30.34 -12.76 5.57
CA ARG F 119 -30.70 -13.44 6.80
C ARG F 119 -31.59 -14.64 6.49
N VAL F 120 -32.64 -14.41 5.70
CA VAL F 120 -33.54 -15.46 5.20
C VAL F 120 -32.81 -16.62 4.54
N PHE F 121 -31.90 -16.31 3.60
CA PHE F 121 -31.12 -17.31 2.89
C PHE F 121 -30.21 -18.11 3.81
N ILE F 122 -29.52 -17.40 4.71
CA ILE F 122 -28.63 -18.04 5.66
C ILE F 122 -29.41 -18.97 6.59
N ALA F 123 -30.53 -18.49 7.13
CA ALA F 123 -31.35 -19.30 8.05
C ALA F 123 -31.87 -20.55 7.39
N GLU F 124 -32.21 -20.42 6.10
CA GLU F 124 -32.61 -21.55 5.27
C GLU F 124 -31.49 -22.57 5.16
N ASP F 125 -30.34 -22.09 4.69
CA ASP F 125 -29.16 -22.92 4.47
C ASP F 125 -28.70 -23.62 5.72
N LEU F 126 -28.90 -22.99 6.88
CA LEU F 126 -28.52 -23.57 8.16
C LEU F 126 -29.68 -24.29 8.84
N GLY F 127 -30.87 -24.15 8.28
CA GLY F 127 -32.08 -24.76 8.83
C GLY F 127 -32.32 -24.30 10.25
N CYS F 128 -32.16 -23.00 10.49
CA CYS F 128 -32.24 -22.47 11.84
C CYS F 128 -33.27 -21.35 11.91
N HIS F 129 -33.57 -20.91 13.13
CA HIS F 129 -34.44 -19.76 13.38
C HIS F 129 -33.75 -18.51 12.86
N MET F 130 -34.54 -17.52 12.43
CA MET F 130 -34.01 -16.22 12.01
C MET F 130 -33.33 -15.48 13.16
N ASP F 131 -33.82 -15.69 14.38
CA ASP F 131 -33.24 -15.11 15.60
C ASP F 131 -31.75 -15.41 15.78
N ASP F 132 -31.30 -16.52 15.23
CA ASP F 132 -29.94 -16.98 15.41
C ASP F 132 -28.99 -16.44 14.33
N VAL F 133 -29.50 -15.60 13.43
CA VAL F 133 -28.67 -15.03 12.34
C VAL F 133 -28.63 -13.52 12.42
N ASN F 134 -27.44 -13.01 12.70
CA ASN F 134 -27.21 -11.58 12.80
C ASN F 134 -26.27 -11.13 11.69
N VAL F 135 -26.79 -10.32 10.77
CA VAL F 135 -25.99 -9.74 9.70
C VAL F 135 -26.11 -8.24 9.81
N LYS F 136 -24.95 -7.58 9.82
CA LYS F 136 -24.84 -6.15 9.86
C LYS F 136 -23.90 -5.71 8.74
N ALA F 137 -23.87 -4.42 8.48
CA ALA F 137 -22.92 -3.88 7.51
C ALA F 137 -22.45 -2.54 8.01
N THR F 138 -21.19 -2.22 7.72
CA THR F 138 -20.60 -0.98 8.19
C THR F 138 -19.49 -0.53 7.22
N THR F 139 -18.87 0.59 7.50
CA THR F 139 -17.84 1.16 6.61
C THR F 139 -16.61 1.44 7.45
N THR F 140 -15.49 1.75 6.78
CA THR F 140 -14.28 2.17 7.46
C THR F 140 -14.11 3.66 7.30
N GLU F 141 -15.22 4.35 7.05
CA GLU F 141 -15.25 5.80 6.86
C GLU F 141 -14.16 6.33 5.94
N LYS F 142 -14.04 5.72 4.76
CA LYS F 142 -13.14 6.17 3.68
C LYS F 142 -11.67 5.83 3.88
N LEU F 143 -11.38 5.09 4.94
CA LEU F 143 -10.02 4.67 5.25
C LEU F 143 -9.71 3.25 4.80
N GLY F 144 -8.45 2.98 4.47
CA GLY F 144 -8.02 1.63 4.10
C GLY F 144 -8.53 1.22 2.75
N PHE F 145 -8.26 -0.02 2.36
CA PHE F 145 -8.63 -0.50 1.03
C PHE F 145 -10.13 -0.58 0.82
N THR F 146 -10.88 -0.92 1.87
CA THR F 146 -12.34 -0.91 1.76
C THR F 146 -12.82 0.53 1.60
N GLY F 147 -12.23 1.43 2.37
CA GLY F 147 -12.55 2.85 2.32
C GLY F 147 -12.32 3.47 0.96
N ARG F 148 -11.27 3.01 0.27
CA ARG F 148 -10.89 3.52 -1.06
C ARG F 148 -11.67 2.88 -2.21
N GLY F 149 -12.58 1.97 -1.84
CA GLY F 149 -13.44 1.33 -2.84
C GLY F 149 -12.76 0.22 -3.61
N GLU F 150 -11.64 -0.28 -3.10
CA GLU F 150 -10.87 -1.35 -3.74
C GLU F 150 -11.50 -2.74 -3.58
N GLY F 151 -12.29 -2.91 -2.50
CA GLY F 151 -12.92 -4.19 -2.25
C GLY F 151 -13.81 -4.20 -1.01
N ILE F 152 -14.23 -5.40 -0.62
CA ILE F 152 -15.14 -5.59 0.49
C ILE F 152 -14.60 -6.67 1.40
N ALA F 153 -14.69 -6.45 2.69
CA ALA F 153 -14.18 -7.44 3.63
C ALA F 153 -15.37 -7.87 4.49
N CYS F 154 -15.18 -8.96 5.23
CA CYS F 154 -16.24 -9.47 6.09
C CYS F 154 -15.64 -10.25 7.23
N GLU F 155 -16.16 -10.00 8.44
CA GLU F 155 -15.75 -10.68 9.66
C GLU F 155 -16.94 -11.47 10.15
N ALA F 156 -16.73 -12.71 10.58
CA ALA F 156 -17.83 -13.47 11.15
C ALA F 156 -17.42 -14.26 12.37
N VAL F 157 -18.39 -14.48 13.26
CA VAL F 157 -18.21 -15.36 14.40
C VAL F 157 -19.44 -16.28 14.52
N ALA F 158 -19.18 -17.47 15.01
CA ALA F 158 -20.21 -18.47 15.13
C ALA F 158 -20.01 -19.17 16.46
N LEU F 159 -21.12 -19.60 17.04
CA LEU F 159 -21.09 -20.41 18.24
C LEU F 159 -21.89 -21.67 17.94
N LEU F 160 -21.28 -22.84 18.17
CA LEU F 160 -21.92 -24.12 17.92
C LEU F 160 -22.16 -24.86 19.23
N ILE F 161 -23.12 -25.78 19.23
CA ILE F 161 -23.36 -26.67 20.37
C ILE F 161 -22.92 -28.08 20.02
N LYS F 162 -22.05 -28.66 20.85
CA LYS F 162 -21.60 -30.04 20.69
C LYS F 162 -22.20 -30.96 21.75
ZN ZN G . 14.80 15.33 0.35
P CAR H . -4.49 14.03 -12.40
OP1 CAR H . -3.50 13.08 -11.83
OP2 CAR H . -5.94 13.91 -11.68
OP3 CAR H . -4.75 13.75 -13.98
O5' CAR H . -4.07 15.58 -12.26
C5' CAR H . -4.81 16.57 -12.99
C4' CAR H . -4.70 17.97 -12.36
O4' CAR H . -4.97 17.89 -10.95
C3' CAR H . -3.27 18.52 -12.44
O3' CAR H . -3.08 19.12 -13.71
C2' CAR H . -3.31 19.57 -11.35
O2' CAR H . -2.01 19.77 -10.80
C1' CAR H . -4.22 18.94 -10.29
N1 CAR H . -3.46 18.38 -9.12
C2 CAR H . -3.22 19.20 -8.00
O2 CAR H . -3.63 20.36 -8.00
N3 CAR H . -2.52 18.68 -6.91
C4 CAR H . -2.07 17.36 -6.94
N4 CAR H . -1.40 16.87 -5.90
C5 CAR H . -2.30 16.55 -8.04
C6 CAR H . -3.00 17.07 -9.13
P CAR I . 18.11 9.53 0.49
OP1 CAR I . 17.25 8.47 -0.09
OP2 CAR I . 17.91 9.67 2.11
OP3 CAR I . 17.78 11.00 -0.12
O5' CAR I . 19.67 9.28 0.22
C5' CAR I . 20.70 10.13 0.78
C4' CAR I . 22.08 9.56 0.45
O4' CAR I . 22.01 8.14 0.69
C3' CAR I . 22.36 9.70 -1.04
O3' CAR I . 23.07 10.92 -1.28
C2' CAR I . 23.30 8.53 -1.31
O2' CAR I . 23.04 8.00 -2.63
C1' CAR I . 22.93 7.49 -0.22
N1 CAR I . 22.30 6.25 -0.76
C2 CAR I . 23.07 5.07 -0.99
O2 CAR I . 24.28 5.04 -0.78
N3 CAR I . 22.45 3.93 -1.48
C4 CAR I . 21.08 3.91 -1.74
N4 CAR I . 20.51 2.81 -2.20
C5 CAR I . 20.31 5.06 -1.50
C6 CAR I . 20.92 6.22 -1.01
ZN ZN J . 17.83 -5.06 -16.74
S SO4 K . 16.59 -8.81 -18.62
O1 SO4 K . 16.61 -7.43 -18.15
O2 SO4 K . 17.91 -9.40 -18.38
O3 SO4 K . 15.56 -9.56 -17.91
O4 SO4 K . 16.32 -8.84 -20.05
C1 GPP L . 7.05 2.01 -6.04
O1 GPP L . 6.01 1.19 -6.39
C2 GPP L . 7.68 2.69 -7.09
C3 GPP L . 8.82 3.49 -6.92
C4 GPP L . 9.47 3.65 -5.54
C5 GPP L . 9.42 4.22 -8.13
C6 GPP L . 8.57 5.45 -8.50
C7 GPP L . 8.87 5.93 -9.80
C8 GPP L . 8.50 5.38 -11.03
C9 GPP L . 7.70 4.07 -11.14
C10 GPP L . 8.94 6.11 -12.29
PA GPP L . 4.57 1.24 -5.65
O1A GPP L . 4.26 2.68 -4.98
O2A GPP L . 3.55 0.81 -6.64
O3A GPP L . 4.66 0.18 -4.53
PB GPP L . 3.32 -0.37 -3.80
O1B GPP L . 3.52 -1.84 -3.74
O2B GPP L . 3.40 0.52 -2.48
O3B GPP L . 1.95 0.03 -4.47
P CAR M . 11.08 -6.22 -20.00
OP1 CAR M . 12.32 -5.41 -19.86
OP2 CAR M . 9.97 -5.85 -18.85
OP3 CAR M . 11.34 -7.82 -19.81
O5' CAR M . 10.39 -6.01 -21.45
C5' CAR M . 11.10 -6.42 -22.63
C4' CAR M . 10.24 -6.37 -23.89
O4' CAR M . 8.87 -6.78 -23.63
C3' CAR M . 10.15 -4.94 -24.39
O3' CAR M . 11.23 -4.69 -25.30
C2' CAR M . 8.81 -4.91 -25.13
O2' CAR M . 8.20 -3.64 -24.97
C1' CAR M . 7.96 -6.01 -24.47
N1 CAR M . 6.81 -5.57 -23.62
C2 CAR M . 5.49 -5.57 -24.11
O2 CAR M . 5.22 -5.91 -25.25
N3 CAR M . 4.44 -5.16 -23.27
C4 CAR M . 4.70 -4.76 -21.94
N4 CAR M . 3.70 -4.37 -21.17
C5 CAR M . 6.00 -4.76 -21.47
C6 CAR M . 7.05 -5.17 -22.29
ZN ZN N . 3.05 -9.26 18.49
P CAR O . -7.67 -17.51 -0.26
OP1 CAR O . -9.13 -17.75 -0.12
OP2 CAR O . -7.23 -16.14 0.42
OP3 CAR O . -7.24 -17.35 -1.82
O5' CAR O . -6.84 -18.74 0.34
C5' CAR O . -7.46 -20.04 0.21
C4' CAR O . -6.56 -21.15 0.71
O4' CAR O . -5.21 -20.76 0.41
C3' CAR O . -6.64 -21.27 2.22
O3' CAR O . -7.65 -22.20 2.60
C2' CAR O . -5.29 -21.88 2.54
O2' CAR O . -4.89 -21.50 3.86
C1' CAR O . -4.34 -21.27 1.45
N1 CAR O . -3.45 -20.19 1.95
C2 CAR O . -2.17 -20.49 2.38
O2 CAR O . -1.75 -21.63 2.36
N3 CAR O . -1.33 -19.49 2.83
C4 CAR O . -1.76 -18.17 2.84
N4 CAR O . -0.95 -17.23 3.30
C5 CAR O . -3.04 -17.84 2.41
C6 CAR O . -3.89 -18.85 1.96
P CAR P . 1.81 -3.59 20.48
OP1 CAR P . 1.10 -3.16 19.24
OP2 CAR P . 3.28 -2.94 20.57
OP3 CAR P . 2.03 -5.21 20.54
O5' CAR P . 1.03 -3.21 21.83
C5' CAR P . 1.43 -3.83 23.06
C4' CAR P . 1.33 -2.85 24.22
O4' CAR P . 1.34 -1.50 23.71
C3' CAR P . -0.04 -3.06 24.85
O3' CAR P . 0.04 -3.98 25.95
C2' CAR P . -0.42 -1.68 25.34
O2' CAR P . -1.80 -1.47 25.06
C1' CAR P . 0.43 -0.70 24.50
N1 CAR P . -0.39 0.16 23.60
C2 CAR P . -0.90 1.37 24.09
O2 CAR P . -0.69 1.72 25.25
N3 CAR P . -1.67 2.19 23.26
C4 CAR P . -1.92 1.82 21.95
N4 CAR P . -2.66 2.62 21.20
C5 CAR P . -1.42 0.62 21.45
C6 CAR P . -0.65 -0.22 22.27
ZN ZN Q . -18.81 5.10 16.91
S SO4 R . -21.60 7.33 15.02
O1 SO4 R . -21.01 8.58 15.52
O2 SO4 R . -20.76 6.22 15.46
O3 SO4 R . -22.95 7.14 15.52
O4 SO4 R . -21.64 7.36 13.56
C1 GPP S . -8.08 -2.22 5.42
O1 GPP S . -7.32 -1.32 4.73
C2 GPP S . -8.10 -2.19 6.81
C3 GPP S . -8.87 -3.10 7.51
C4 GPP S . -9.69 -4.16 6.76
C5 GPP S . -8.91 -3.06 9.04
C6 GPP S . -8.39 -4.37 9.64
C7 GPP S . -9.23 -4.82 10.66
C8 GPP S . -9.56 -6.14 10.93
C9 GPP S . -8.98 -7.26 10.07
C10 GPP S . -10.50 -6.48 12.09
PA GPP S . -5.80 -1.36 5.28
O1A GPP S . -5.91 -1.34 6.88
O2A GPP S . -5.05 -2.53 4.77
O3A GPP S . -5.15 0.04 4.85
PB GPP S . -4.30 0.16 3.49
O1B GPP S . -4.75 -0.79 2.44
O2B GPP S . -4.41 1.70 3.02
O3B GPP S . -2.75 -0.07 3.91
#